data_6LPE
#
_entry.id   6LPE
#
_cell.length_a   232.760
_cell.length_b   232.760
_cell.length_c   232.760
_cell.angle_alpha   90.000
_cell.angle_beta   90.000
_cell.angle_gamma   90.000
#
_symmetry.space_group_name_H-M   'I 4 3 2'
#
loop_
_entity.id
_entity.type
_entity.pdbx_description
1 polymer Ferritin
2 non-polymer 'MAGNESIUM ION'
3 non-polymer 'SULFATE ION'
4 water water
#
_entity_poly.entity_id   1
_entity_poly.type   'polypeptide(L)'
_entity_poly.pdbx_seq_one_letter_code
;MSLSRPRQNYHAESESGVNKQINLELYASYVYQSMAWYFDRDDVALKGFHKFFKKASEEEREHAEKLMKFQNQRGGRIVL
SDIKRPDHDEWGTGLEAMEVALNLEKNVNQSLLDLHKVAEKNGDDQMQDWIESHFLTEQVEAIKELSDHITNLKRVGPGL
GEYMFDKETLDGDS
;
_entity_poly.pdbx_strand_id   A,B,C,D
#
# COMPACT_ATOMS: atom_id res chain seq x y z
N SER A 2 -5.56 16.01 -21.94
CA SER A 2 -6.34 17.00 -22.73
C SER A 2 -5.63 18.37 -22.70
N LEU A 3 -5.08 18.79 -23.84
CA LEU A 3 -4.23 20.01 -23.97
C LEU A 3 -5.15 21.25 -23.77
N SER A 4 -4.68 22.26 -23.04
CA SER A 4 -5.41 23.53 -22.79
C SER A 4 -5.62 24.22 -24.16
N ARG A 5 -6.62 25.09 -24.27
N ARG A 5 -6.61 25.10 -24.26
CA ARG A 5 -7.05 25.65 -25.57
CA ARG A 5 -7.05 25.66 -25.56
C ARG A 5 -5.94 26.48 -26.22
C ARG A 5 -5.94 26.49 -26.22
N PRO A 6 -5.16 27.30 -25.46
CA PRO A 6 -4.10 28.10 -26.07
C PRO A 6 -2.84 27.34 -26.50
N ARG A 7 -2.65 26.15 -25.94
CA ARG A 7 -1.33 25.51 -25.94
C ARG A 7 -0.90 25.26 -27.40
N GLN A 8 0.27 25.74 -27.75
CA GLN A 8 0.90 25.52 -29.08
C GLN A 8 2.42 25.68 -28.91
N ASN A 9 3.16 24.66 -29.34
CA ASN A 9 4.64 24.65 -29.30
C ASN A 9 5.13 24.88 -27.86
N TYR A 10 4.42 24.38 -26.84
CA TYR A 10 4.79 24.60 -25.41
C TYR A 10 4.98 23.25 -24.73
N HIS A 11 6.22 22.95 -24.36
CA HIS A 11 6.65 21.60 -23.93
C HIS A 11 6.50 21.47 -22.43
N ALA A 12 6.20 20.26 -21.98
CA ALA A 12 6.06 19.93 -20.56
C ALA A 12 7.35 20.34 -19.81
N GLU A 13 8.53 20.17 -20.39
CA GLU A 13 9.79 20.57 -19.70
C GLU A 13 9.82 22.10 -19.48
N SER A 14 9.31 22.86 -20.45
CA SER A 14 9.28 24.34 -20.37
C SER A 14 8.30 24.77 -19.27
N GLU A 15 7.12 24.13 -19.25
CA GLU A 15 6.05 24.42 -18.25
C GLU A 15 6.62 24.17 -16.84
N SER A 16 7.29 23.05 -16.69
CA SER A 16 7.84 22.66 -15.38
C SER A 16 8.97 23.64 -14.99
N GLY A 17 9.77 24.08 -15.96
CA GLY A 17 10.88 25.03 -15.74
C GLY A 17 10.35 26.39 -15.31
N VAL A 18 9.24 26.82 -15.85
CA VAL A 18 8.61 28.11 -15.46
C VAL A 18 8.16 28.01 -13.99
N ASN A 19 7.57 26.89 -13.56
CA ASN A 19 7.14 26.71 -12.15
C ASN A 19 8.39 26.76 -11.25
N LYS A 20 9.50 26.19 -11.66
CA LYS A 20 10.75 26.16 -10.84
C LYS A 20 11.25 27.61 -10.77
N GLN A 21 11.23 28.34 -11.88
CA GLN A 21 11.69 29.77 -11.86
C GLN A 21 10.72 30.59 -10.98
N ILE A 22 9.41 30.32 -11.02
CA ILE A 22 8.46 31.07 -10.15
C ILE A 22 8.92 30.95 -8.69
N ASN A 23 9.20 29.73 -8.21
CA ASN A 23 9.59 29.51 -6.79
C ASN A 23 10.90 30.25 -6.48
N LEU A 24 11.87 30.23 -7.40
CA LEU A 24 13.18 30.91 -7.23
C LEU A 24 12.95 32.42 -7.12
N GLU A 25 12.13 33.00 -8.00
CA GLU A 25 11.85 34.46 -7.91
C GLU A 25 11.21 34.73 -6.54
N LEU A 26 10.29 33.89 -6.09
CA LEU A 26 9.60 34.15 -4.80
C LEU A 26 10.64 33.98 -3.69
N TYR A 27 11.54 33.02 -3.82
CA TYR A 27 12.61 32.82 -2.80
C TYR A 27 13.48 34.09 -2.70
N ALA A 28 13.92 34.60 -3.85
CA ALA A 28 14.77 35.82 -3.91
C ALA A 28 14.00 36.99 -3.30
N SER A 29 12.70 37.07 -3.57
CA SER A 29 11.83 38.11 -2.95
C SER A 29 11.94 38.02 -1.42
N TYR A 30 11.88 36.81 -0.87
CA TYR A 30 11.89 36.58 0.60
C TYR A 30 13.26 36.93 1.16
N VAL A 31 14.35 36.58 0.47
CA VAL A 31 15.72 36.95 0.94
C VAL A 31 15.81 38.47 1.02
N TYR A 32 15.41 39.18 -0.03
CA TYR A 32 15.50 40.67 -0.05
C TYR A 32 14.60 41.26 1.04
N GLN A 33 13.43 40.65 1.29
CA GLN A 33 12.51 41.12 2.37
C GLN A 33 13.21 40.98 3.73
N SER A 34 13.86 39.85 3.99
CA SER A 34 14.61 39.59 5.26
C SER A 34 15.67 40.66 5.42
N MET A 35 16.46 40.88 4.37
N MET A 35 16.42 40.93 4.36
CA MET A 35 17.50 41.93 4.35
CA MET A 35 17.52 41.94 4.41
C MET A 35 16.85 43.28 4.69
C MET A 35 16.92 43.34 4.61
N ALA A 36 15.81 43.65 3.95
CA ALA A 36 15.15 44.97 4.08
C ALA A 36 14.86 45.24 5.56
N TRP A 37 14.23 44.30 6.23
CA TRP A 37 13.73 44.53 7.61
C TRP A 37 14.87 44.38 8.62
N TYR A 38 15.92 43.69 8.25
CA TYR A 38 17.17 43.67 9.06
C TYR A 38 17.75 45.10 9.13
N PHE A 39 17.69 45.87 8.03
CA PHE A 39 18.24 47.25 7.97
C PHE A 39 17.28 48.24 8.66
N ASP A 40 16.09 47.81 9.06
CA ASP A 40 15.17 48.64 9.86
C ASP A 40 15.38 48.36 11.37
N ARG A 41 16.21 47.38 11.74
CA ARG A 41 16.52 47.12 13.18
C ARG A 41 17.12 48.37 13.84
N ASP A 42 16.77 48.66 15.10
CA ASP A 42 17.28 49.86 15.83
C ASP A 42 18.79 49.81 15.93
N ASP A 43 19.36 48.59 15.88
CA ASP A 43 20.83 48.39 16.04
C ASP A 43 21.48 48.24 14.66
N VAL A 44 20.77 48.52 13.56
CA VAL A 44 21.39 48.51 12.20
C VAL A 44 21.09 49.89 11.59
N ALA A 45 19.80 50.21 11.42
CA ALA A 45 19.27 51.59 11.22
C ALA A 45 19.92 52.26 10.00
N LEU A 46 19.80 51.64 8.82
CA LEU A 46 20.21 52.24 7.54
C LEU A 46 19.00 52.26 6.61
N LYS A 47 18.36 53.43 6.53
CA LYS A 47 17.11 53.67 5.76
C LYS A 47 17.38 53.48 4.26
N GLY A 48 18.54 53.91 3.75
CA GLY A 48 18.90 53.69 2.34
C GLY A 48 18.91 52.20 1.98
N PHE A 49 19.63 51.43 2.76
CA PHE A 49 19.74 49.97 2.54
C PHE A 49 18.32 49.37 2.68
N HIS A 50 17.56 49.81 3.68
CA HIS A 50 16.18 49.33 3.90
C HIS A 50 15.36 49.51 2.62
N LYS A 51 15.30 50.74 2.12
CA LYS A 51 14.51 51.17 0.91
C LYS A 51 15.05 50.33 -0.29
N PHE A 52 16.36 50.21 -0.45
CA PHE A 52 16.95 49.46 -1.59
C PHE A 52 16.50 47.99 -1.60
N PHE A 53 16.62 47.28 -0.49
CA PHE A 53 16.24 45.84 -0.44
C PHE A 53 14.71 45.68 -0.43
N LYS A 54 13.97 46.62 0.14
CA LYS A 54 12.47 46.59 0.10
C LYS A 54 12.07 46.62 -1.39
N LYS A 55 12.66 47.51 -2.21
CA LYS A 55 12.29 47.67 -3.64
C LYS A 55 12.73 46.39 -4.39
N ALA A 56 13.95 45.89 -4.11
CA ALA A 56 14.47 44.64 -4.70
C ALA A 56 13.48 43.49 -4.42
N SER A 57 12.97 43.41 -3.19
CA SER A 57 11.98 42.38 -2.78
C SER A 57 10.72 42.54 -3.62
N GLU A 58 10.22 43.74 -3.81
CA GLU A 58 8.93 43.94 -4.55
C GLU A 58 9.17 43.57 -6.00
N GLU A 59 10.35 43.90 -6.54
CA GLU A 59 10.67 43.58 -7.96
C GLU A 59 10.71 42.08 -8.18
N GLU A 60 11.32 41.33 -7.26
CA GLU A 60 11.42 39.86 -7.40
C GLU A 60 10.03 39.26 -7.39
N ARG A 61 9.14 39.79 -6.54
N ARG A 61 9.11 39.79 -6.56
CA ARG A 61 7.71 39.40 -6.44
CA ARG A 61 7.72 39.25 -6.55
C ARG A 61 7.03 39.66 -7.79
C ARG A 61 7.05 39.62 -7.87
N GLU A 62 7.35 40.80 -8.43
CA GLU A 62 6.86 41.14 -9.79
C GLU A 62 7.42 40.11 -10.80
N HIS A 63 8.68 39.72 -10.69
N HIS A 63 8.69 39.73 -10.69
CA HIS A 63 9.29 38.72 -11.62
CA HIS A 63 9.32 38.75 -11.61
C HIS A 63 8.46 37.43 -11.51
C HIS A 63 8.62 37.39 -11.49
N ALA A 64 8.20 37.00 -10.28
CA ALA A 64 7.40 35.79 -10.03
C ALA A 64 6.07 35.90 -10.76
N GLU A 65 5.42 37.08 -10.71
CA GLU A 65 4.06 37.27 -11.29
C GLU A 65 4.18 37.38 -12.82
N LYS A 66 5.29 37.90 -13.36
CA LYS A 66 5.54 37.90 -14.84
C LYS A 66 5.51 36.45 -15.34
N LEU A 67 6.14 35.53 -14.60
CA LEU A 67 6.24 34.09 -14.99
C LEU A 67 4.88 33.39 -14.81
N MET A 68 4.11 33.76 -13.79
CA MET A 68 2.74 33.23 -13.59
C MET A 68 1.88 33.66 -14.78
N LYS A 69 1.96 34.92 -15.20
CA LYS A 69 1.14 35.40 -16.36
C LYS A 69 1.58 34.61 -17.62
N PHE A 70 2.88 34.39 -17.79
CA PHE A 70 3.48 33.73 -18.98
C PHE A 70 2.97 32.29 -19.04
N GLN A 71 3.00 31.60 -17.89
CA GLN A 71 2.54 30.20 -17.77
C GLN A 71 1.12 30.13 -18.30
N ASN A 72 0.23 30.98 -17.80
CA ASN A 72 -1.19 31.05 -18.24
C ASN A 72 -1.31 31.46 -19.72
N GLN A 73 -0.49 32.40 -20.20
CA GLN A 73 -0.55 32.81 -21.64
C GLN A 73 -0.32 31.57 -22.54
N ARG A 74 0.63 30.69 -22.16
CA ARG A 74 1.11 29.60 -23.04
C ARG A 74 0.21 28.38 -22.81
N GLY A 75 -0.68 28.41 -21.82
CA GLY A 75 -1.65 27.35 -21.53
C GLY A 75 -1.09 26.31 -20.57
N GLY A 76 0.01 26.63 -19.91
CA GLY A 76 0.58 25.78 -18.84
C GLY A 76 -0.15 26.04 -17.53
N ARG A 77 0.24 25.33 -16.48
CA ARG A 77 -0.49 25.41 -15.21
C ARG A 77 0.49 25.70 -14.08
N ILE A 78 0.20 26.76 -13.35
CA ILE A 78 1.04 27.21 -12.20
C ILE A 78 0.92 26.12 -11.15
N VAL A 79 2.07 25.65 -10.68
CA VAL A 79 2.19 24.78 -9.47
C VAL A 79 3.20 25.43 -8.52
N LEU A 80 2.69 25.82 -7.35
CA LEU A 80 3.42 26.56 -6.30
C LEU A 80 4.03 25.55 -5.34
N SER A 81 5.23 25.85 -4.86
CA SER A 81 5.94 25.08 -3.81
C SER A 81 6.20 26.01 -2.62
N ASP A 82 6.56 25.41 -1.47
CA ASP A 82 6.96 26.19 -0.27
C ASP A 82 8.03 27.22 -0.69
N ILE A 83 7.93 28.40 -0.14
CA ILE A 83 9.00 29.44 -0.27
C ILE A 83 9.91 29.21 0.95
N LYS A 84 11.10 28.65 0.71
CA LYS A 84 12.04 28.31 1.82
C LYS A 84 12.47 29.61 2.51
N ARG A 85 12.57 29.57 3.84
CA ARG A 85 13.14 30.73 4.58
C ARG A 85 14.58 30.96 4.11
N PRO A 86 15.07 32.20 4.19
CA PRO A 86 16.46 32.49 3.86
C PRO A 86 17.44 31.76 4.80
N ASP A 87 18.69 31.70 4.39
CA ASP A 87 19.71 30.92 5.12
C ASP A 87 20.15 31.65 6.38
N HIS A 88 19.85 32.91 6.58
CA HIS A 88 20.33 33.70 7.74
C HIS A 88 19.19 34.55 8.27
N ASP A 89 19.18 34.79 9.58
CA ASP A 89 18.29 35.78 10.25
C ASP A 89 18.96 37.17 10.19
N GLU A 90 20.29 37.22 10.18
CA GLU A 90 21.07 38.50 10.22
C GLU A 90 21.96 38.58 8.98
N TRP A 91 22.28 39.79 8.52
CA TRP A 91 22.95 39.94 7.20
C TRP A 91 24.21 40.83 7.30
N GLY A 92 24.65 41.19 8.50
CA GLY A 92 25.97 41.79 8.71
C GLY A 92 25.95 43.25 8.33
N THR A 93 27.02 43.68 7.64
CA THR A 93 27.24 45.09 7.21
C THR A 93 26.51 45.35 5.88
N GLY A 94 26.33 46.62 5.52
CA GLY A 94 25.84 46.95 4.18
C GLY A 94 26.62 46.23 3.10
N LEU A 95 27.95 46.18 3.22
CA LEU A 95 28.81 45.51 2.21
C LEU A 95 28.45 44.02 2.18
N GLU A 96 28.36 43.37 3.32
CA GLU A 96 28.08 41.92 3.36
C GLU A 96 26.71 41.65 2.71
N ALA A 97 25.70 42.49 2.95
CA ALA A 97 24.35 42.28 2.36
C ALA A 97 24.41 42.47 0.83
N MET A 98 25.17 43.43 0.35
CA MET A 98 25.30 43.64 -1.12
C MET A 98 25.98 42.44 -1.78
N GLU A 99 26.95 41.83 -1.10
CA GLU A 99 27.65 40.63 -1.66
C GLU A 99 26.68 39.46 -1.70
N VAL A 100 25.83 39.31 -0.69
CA VAL A 100 24.80 38.23 -0.67
C VAL A 100 23.83 38.46 -1.83
N ALA A 101 23.43 39.71 -2.03
CA ALA A 101 22.56 40.14 -3.16
C ALA A 101 23.19 39.73 -4.50
N LEU A 102 24.46 40.05 -4.71
CA LEU A 102 25.12 39.76 -6.00
C LEU A 102 25.15 38.24 -6.21
N ASN A 103 25.49 37.49 -5.16
CA ASN A 103 25.58 36.01 -5.28
C ASN A 103 24.17 35.49 -5.63
N LEU A 104 23.12 36.02 -5.01
CA LEU A 104 21.72 35.59 -5.31
C LEU A 104 21.37 35.90 -6.77
N GLU A 105 21.70 37.09 -7.25
CA GLU A 105 21.32 37.55 -8.61
C GLU A 105 22.06 36.72 -9.65
N LYS A 106 23.30 36.32 -9.38
CA LYS A 106 24.12 35.44 -10.26
C LYS A 106 23.51 34.04 -10.28
N ASN A 107 23.00 33.54 -9.16
N ASN A 107 23.06 33.55 -9.12
CA ASN A 107 22.35 32.20 -9.12
CA ASN A 107 22.29 32.28 -9.01
C ASN A 107 21.00 32.27 -9.88
C ASN A 107 21.10 32.37 -9.97
N VAL A 108 20.25 33.38 -9.75
CA VAL A 108 18.96 33.57 -10.50
C VAL A 108 19.29 33.69 -12.00
N ASN A 109 20.37 34.39 -12.32
CA ASN A 109 20.81 34.58 -13.72
C ASN A 109 21.08 33.21 -14.36
N GLN A 110 21.85 32.35 -13.68
N GLN A 110 21.86 32.36 -13.70
CA GLN A 110 22.26 31.04 -14.26
CA GLN A 110 22.24 31.03 -14.28
C GLN A 110 20.96 30.18 -14.57
C GLN A 110 20.92 30.23 -14.59
N SER A 111 20.06 30.23 -13.54
CA SER A 111 18.76 29.53 -13.55
C SER A 111 17.92 30.07 -14.72
N LEU A 112 17.96 31.37 -15.02
CA LEU A 112 17.27 31.92 -16.22
C LEU A 112 17.95 31.41 -17.49
N LEU A 113 19.27 31.36 -17.55
CA LEU A 113 19.97 30.84 -18.76
C LEU A 113 19.64 29.35 -18.93
N ASP A 114 19.60 28.60 -17.84
CA ASP A 114 19.19 27.18 -17.87
C ASP A 114 17.76 27.03 -18.40
N LEU A 115 16.86 27.91 -18.00
CA LEU A 115 15.44 27.87 -18.46
C LEU A 115 15.39 28.22 -19.94
N HIS A 116 16.17 29.22 -20.39
CA HIS A 116 16.33 29.58 -21.83
C HIS A 116 16.84 28.33 -22.60
N LYS A 117 17.77 27.56 -22.04
CA LYS A 117 18.32 26.33 -22.70
C LYS A 117 17.18 25.30 -22.88
N VAL A 118 16.25 25.20 -21.93
CA VAL A 118 15.10 24.24 -21.99
C VAL A 118 14.19 24.67 -23.15
N ALA A 119 13.87 25.96 -23.19
CA ALA A 119 13.12 26.57 -24.29
C ALA A 119 13.80 26.24 -25.62
N GLU A 120 15.11 26.50 -25.72
CA GLU A 120 15.89 26.27 -26.97
C GLU A 120 15.83 24.78 -27.36
N LYS A 121 16.09 23.88 -26.43
CA LYS A 121 16.12 22.42 -26.66
C LYS A 121 14.78 22.01 -27.30
N ASN A 122 13.67 22.65 -26.91
CA ASN A 122 12.30 22.24 -27.33
C ASN A 122 11.78 23.17 -28.43
N GLY A 123 12.63 23.99 -29.06
CA GLY A 123 12.25 24.78 -30.22
C GLY A 123 11.21 25.85 -29.91
N ASP A 124 11.19 26.36 -28.67
CA ASP A 124 10.19 27.35 -28.24
C ASP A 124 10.75 28.76 -28.49
N ASP A 125 10.65 29.22 -29.73
CA ASP A 125 11.26 30.50 -30.16
C ASP A 125 10.60 31.65 -29.39
N GLN A 126 9.28 31.62 -29.17
CA GLN A 126 8.61 32.71 -28.44
C GLN A 126 9.12 32.73 -26.98
N MET A 127 9.27 31.59 -26.33
CA MET A 127 9.66 31.58 -24.88
C MET A 127 11.10 32.08 -24.71
N GLN A 128 12.00 31.72 -25.63
CA GLN A 128 13.39 32.23 -25.63
C GLN A 128 13.38 33.74 -25.74
N ASP A 129 12.62 34.28 -26.69
CA ASP A 129 12.55 35.76 -26.87
C ASP A 129 11.96 36.41 -25.61
N TRP A 130 10.92 35.80 -25.02
CA TRP A 130 10.23 36.35 -23.82
C TRP A 130 11.25 36.43 -22.69
N ILE A 131 12.02 35.37 -22.46
CA ILE A 131 13.04 35.35 -21.37
C ILE A 131 14.09 36.43 -21.66
N GLU A 132 14.52 36.55 -22.91
CA GLU A 132 15.46 37.61 -23.35
C GLU A 132 14.87 38.99 -23.06
N SER A 133 13.62 39.26 -23.47
CA SER A 133 12.99 40.61 -23.32
C SER A 133 12.83 40.94 -21.84
N HIS A 134 12.32 40.03 -21.04
CA HIS A 134 11.89 40.36 -19.65
C HIS A 134 13.04 40.22 -18.67
N PHE A 135 13.96 39.28 -18.88
CA PHE A 135 14.86 38.83 -17.80
C PHE A 135 16.34 38.98 -18.14
N LEU A 136 16.83 38.54 -19.30
CA LEU A 136 18.30 38.32 -19.43
C LEU A 136 19.06 39.64 -19.32
N THR A 137 18.56 40.72 -19.93
CA THR A 137 19.25 42.03 -19.89
C THR A 137 19.03 42.68 -18.50
N GLU A 138 17.87 42.50 -17.93
N GLU A 138 17.83 42.55 -17.92
CA GLU A 138 17.58 43.01 -16.62
CA GLU A 138 17.53 43.08 -16.57
C GLU A 138 18.55 42.44 -15.60
C GLU A 138 18.50 42.45 -15.55
N GLN A 139 18.78 41.14 -15.64
CA GLN A 139 19.73 40.44 -14.73
C GLN A 139 21.14 41.01 -14.95
N VAL A 140 21.58 41.20 -16.20
CA VAL A 140 22.93 41.78 -16.46
C VAL A 140 23.03 43.15 -15.78
N GLU A 141 21.98 43.99 -15.92
CA GLU A 141 21.93 45.35 -15.33
C GLU A 141 22.00 45.24 -13.81
N ALA A 142 21.23 44.34 -13.19
CA ALA A 142 21.17 44.18 -11.72
C ALA A 142 22.56 43.76 -11.18
N ILE A 143 23.21 42.84 -11.87
CA ILE A 143 24.53 42.31 -11.48
C ILE A 143 25.56 43.42 -11.58
N LYS A 144 25.53 44.21 -12.65
CA LYS A 144 26.51 45.33 -12.80
C LYS A 144 26.28 46.35 -11.69
N GLU A 145 25.02 46.67 -11.37
CA GLU A 145 24.71 47.68 -10.32
C GLU A 145 25.24 47.21 -8.94
N LEU A 146 24.96 45.96 -8.56
CA LEU A 146 25.44 45.36 -7.28
C LEU A 146 26.97 45.37 -7.28
N SER A 147 27.63 45.08 -8.40
CA SER A 147 29.11 45.06 -8.48
C SER A 147 29.62 46.48 -8.23
N ASP A 148 28.96 47.48 -8.81
CA ASP A 148 29.31 48.92 -8.62
C ASP A 148 29.15 49.26 -7.13
N HIS A 149 28.07 48.82 -6.51
CA HIS A 149 27.80 49.14 -5.08
C HIS A 149 28.88 48.53 -4.19
N ILE A 150 29.24 47.29 -4.46
CA ILE A 150 30.29 46.56 -3.70
C ILE A 150 31.62 47.33 -3.83
N THR A 151 32.03 47.70 -5.03
CA THR A 151 33.23 48.53 -5.25
C THR A 151 33.14 49.79 -4.38
N ASN A 152 31.99 50.47 -4.37
CA ASN A 152 31.88 51.76 -3.64
C ASN A 152 31.86 51.50 -2.12
N LEU A 153 31.25 50.41 -1.69
CA LEU A 153 31.19 50.16 -0.22
C LEU A 153 32.58 49.83 0.30
N LYS A 154 33.42 49.20 -0.53
CA LYS A 154 34.85 48.95 -0.21
C LYS A 154 35.63 50.26 -0.26
N ARG A 155 35.34 51.14 -1.21
CA ARG A 155 36.02 52.46 -1.32
C ARG A 155 35.71 53.29 -0.07
N VAL A 156 34.44 53.44 0.32
CA VAL A 156 34.09 54.34 1.45
C VAL A 156 34.50 53.73 2.79
N GLY A 157 34.58 52.40 2.89
CA GLY A 157 34.99 51.76 4.15
C GLY A 157 33.86 51.78 5.19
N PRO A 158 34.08 51.14 6.34
CA PRO A 158 33.05 51.08 7.37
C PRO A 158 32.80 52.43 8.08
N GLY A 159 31.80 52.44 8.96
CA GLY A 159 31.51 53.60 9.83
C GLY A 159 30.95 54.74 9.02
N LEU A 160 31.61 55.91 9.05
CA LEU A 160 31.12 57.10 8.35
C LEU A 160 30.90 56.76 6.85
N GLY A 161 31.77 55.96 6.24
CA GLY A 161 31.69 55.64 4.80
C GLY A 161 30.40 54.96 4.47
N GLU A 162 30.07 53.93 5.25
CA GLU A 162 28.79 53.19 5.11
C GLU A 162 27.62 54.18 5.24
N TYR A 163 27.63 55.05 6.26
CA TYR A 163 26.58 56.06 6.49
C TYR A 163 26.46 56.95 5.25
N MET A 164 27.56 57.48 4.73
CA MET A 164 27.51 58.42 3.58
C MET A 164 27.04 57.70 2.30
N PHE A 165 27.40 56.44 2.13
CA PHE A 165 26.93 55.62 0.98
C PHE A 165 25.41 55.50 1.08
N ASP A 166 24.92 55.18 2.26
CA ASP A 166 23.46 55.09 2.50
C ASP A 166 22.82 56.43 2.13
N LYS A 167 23.44 57.56 2.47
CA LYS A 167 22.82 58.89 2.22
C LYS A 167 22.93 59.26 0.75
N GLU A 168 24.11 59.05 0.15
N GLU A 168 24.13 59.10 0.18
CA GLU A 168 24.41 59.59 -1.19
CA GLU A 168 24.48 59.60 -1.17
C GLU A 168 23.94 58.61 -2.27
C GLU A 168 23.93 58.65 -2.25
N THR A 169 24.50 57.44 -2.36
CA THR A 169 24.13 56.50 -3.46
C THR A 169 22.72 55.95 -3.21
N LEU A 170 22.33 55.60 -1.97
CA LEU A 170 21.01 54.94 -1.74
C LEU A 170 19.97 55.97 -1.33
N ASP A 171 20.29 57.24 -1.27
CA ASP A 171 19.26 58.31 -1.04
C ASP A 171 18.52 57.98 0.27
N GLY A 172 19.22 57.65 1.36
CA GLY A 172 18.59 57.35 2.67
C GLY A 172 17.71 58.51 3.17
N ASP A 173 16.44 58.28 3.39
CA ASP A 173 15.55 59.32 3.84
C ASP A 173 14.96 60.11 2.66
N SER B 2 46.86 -10.26 8.12
CA SER B 2 47.77 -11.35 8.63
C SER B 2 47.01 -12.69 8.67
N LEU B 3 47.39 -13.62 7.79
CA LEU B 3 46.68 -14.91 7.59
C LEU B 3 46.93 -15.78 8.85
N SER B 4 45.91 -16.50 9.34
CA SER B 4 46.01 -17.44 10.49
C SER B 4 47.01 -18.53 10.09
N ARG B 5 47.62 -19.18 11.09
N ARG B 5 47.59 -19.19 11.08
CA ARG B 5 48.75 -20.12 10.90
CA ARG B 5 48.73 -20.12 10.87
C ARG B 5 48.31 -21.32 10.04
C ARG B 5 48.31 -21.33 10.02
N PRO B 6 47.10 -21.90 10.22
CA PRO B 6 46.69 -23.06 9.42
C PRO B 6 46.25 -22.76 7.98
N ARG B 7 45.94 -21.50 7.70
CA ARG B 7 45.16 -21.15 6.51
C ARG B 7 45.96 -21.55 5.25
N GLN B 8 45.34 -22.34 4.40
CA GLN B 8 45.89 -22.77 3.09
C GLN B 8 44.72 -23.11 2.16
N ASN B 9 44.70 -22.48 0.99
CA ASN B 9 43.67 -22.73 -0.04
C ASN B 9 42.26 -22.47 0.54
N TYR B 10 42.10 -21.49 1.44
CA TYR B 10 40.79 -21.20 2.10
C TYR B 10 40.41 -19.74 1.83
N HIS B 11 39.35 -19.55 1.05
CA HIS B 11 38.99 -18.24 0.46
C HIS B 11 38.04 -17.51 1.39
N ALA B 12 38.14 -16.19 1.39
CA ALA B 12 37.27 -15.31 2.19
C ALA B 12 35.78 -15.62 1.87
N GLU B 13 35.44 -15.90 0.62
CA GLU B 13 34.01 -16.20 0.28
C GLU B 13 33.58 -17.50 0.98
N SER B 14 34.49 -18.47 1.07
CA SER B 14 34.19 -19.79 1.72
C SER B 14 33.99 -19.56 3.23
N GLU B 15 34.88 -18.77 3.84
CA GLU B 15 34.83 -18.45 5.29
C GLU B 15 33.48 -17.77 5.63
N SER B 16 33.09 -16.80 4.81
N SER B 16 33.06 -16.80 4.82
CA SER B 16 31.82 -16.07 5.01
CA SER B 16 31.79 -16.06 5.05
C SER B 16 30.59 -17.01 4.88
C SER B 16 30.57 -17.00 4.88
N GLY B 17 30.70 -17.91 3.88
CA GLY B 17 29.66 -18.89 3.55
C GLY B 17 29.48 -19.87 4.69
N VAL B 18 30.55 -20.25 5.35
CA VAL B 18 30.46 -21.17 6.53
C VAL B 18 29.75 -20.43 7.67
N ASN B 19 30.04 -19.14 7.91
CA ASN B 19 29.35 -18.34 8.96
C ASN B 19 27.84 -18.26 8.63
N LYS B 20 27.48 -18.12 7.37
CA LYS B 20 26.06 -18.00 6.95
C LYS B 20 25.43 -19.37 7.18
N GLN B 21 26.11 -20.45 6.82
CA GLN B 21 25.51 -21.81 7.06
C GLN B 21 25.42 -22.06 8.58
N ILE B 22 26.38 -21.61 9.38
CA ILE B 22 26.26 -21.77 10.86
C ILE B 22 24.93 -21.18 11.33
N ASN B 23 24.62 -19.94 10.94
CA ASN B 23 23.38 -19.26 11.39
C ASN B 23 22.14 -20.02 10.92
N LEU B 24 22.16 -20.54 9.68
CA LEU B 24 21.02 -21.31 9.12
C LEU B 24 20.83 -22.58 9.93
N GLU B 25 21.91 -23.30 10.24
CA GLU B 25 21.77 -24.54 11.05
C GLU B 25 21.18 -24.15 12.41
N LEU B 26 21.63 -23.06 13.01
CA LEU B 26 21.13 -22.68 14.35
C LEU B 26 19.66 -22.27 14.20
N TYR B 27 19.32 -21.61 13.11
CA TYR B 27 17.90 -21.23 12.83
C TYR B 27 17.02 -22.48 12.77
N ALA B 28 17.45 -23.47 12.00
CA ALA B 28 16.69 -24.75 11.84
C ALA B 28 16.56 -25.43 13.20
N SER B 29 17.62 -25.39 14.00
CA SER B 29 17.59 -25.94 15.38
C SER B 29 16.44 -25.28 16.15
N TYR B 30 16.32 -23.95 16.06
CA TYR B 30 15.30 -23.16 16.81
C TYR B 30 13.90 -23.51 16.30
N VAL B 31 13.73 -23.66 14.98
CA VAL B 31 12.39 -24.04 14.42
C VAL B 31 12.01 -25.42 15.00
N TYR B 32 12.90 -26.39 14.97
CA TYR B 32 12.61 -27.77 15.46
C TYR B 32 12.33 -27.71 16.96
N GLN B 33 13.04 -26.87 17.70
CA GLN B 33 12.82 -26.71 19.17
C GLN B 33 11.40 -26.16 19.41
N SER B 34 10.97 -25.14 18.66
CA SER B 34 9.61 -24.56 18.75
C SER B 34 8.59 -25.65 18.50
N MET B 35 8.77 -26.39 17.42
N MET B 35 8.79 -26.44 17.45
CA MET B 35 7.88 -27.54 17.06
CA MET B 35 7.84 -27.52 17.08
C MET B 35 7.84 -28.52 18.24
C MET B 35 7.84 -28.60 18.17
N ALA B 36 9.02 -28.95 18.71
CA ALA B 36 9.13 -29.98 19.77
C ALA B 36 8.22 -29.61 20.94
N TRP B 37 8.33 -28.37 21.42
CA TRP B 37 7.64 -27.97 22.68
C TRP B 37 6.18 -27.64 22.40
N TYR B 38 5.85 -27.33 21.16
CA TYR B 38 4.43 -27.23 20.73
C TYR B 38 3.74 -28.60 20.91
N PHE B 39 4.42 -29.71 20.60
CA PHE B 39 3.85 -31.08 20.70
C PHE B 39 3.82 -31.54 22.17
N ASP B 40 4.43 -30.78 23.08
CA ASP B 40 4.33 -31.07 24.52
C ASP B 40 3.17 -30.27 25.14
N ARG B 41 2.50 -29.37 24.40
CA ARG B 41 1.32 -28.63 24.92
C ARG B 41 0.23 -29.62 25.36
N ASP B 42 -0.50 -29.32 26.44
CA ASP B 42 -1.57 -30.20 26.99
C ASP B 42 -2.66 -30.38 25.93
N ASP B 43 -2.80 -29.42 25.04
CA ASP B 43 -3.85 -29.43 24.00
C ASP B 43 -3.28 -29.94 22.66
N VAL B 44 -2.08 -30.49 22.63
CA VAL B 44 -1.52 -31.14 21.40
C VAL B 44 -1.10 -32.56 21.82
N ALA B 45 -0.18 -32.67 22.76
CA ALA B 45 0.08 -33.91 23.55
C ALA B 45 0.38 -35.12 22.63
N LEU B 46 1.41 -35.00 21.80
CA LEU B 46 1.94 -36.11 20.98
C LEU B 46 3.42 -36.28 21.32
N LYS B 47 3.71 -37.23 22.19
CA LYS B 47 5.08 -37.55 22.72
C LYS B 47 5.99 -38.00 21.58
N GLY B 48 5.51 -38.78 20.62
CA GLY B 48 6.33 -39.19 19.47
C GLY B 48 6.84 -38.00 18.67
N PHE B 49 5.92 -37.12 18.30
CA PHE B 49 6.26 -35.90 17.53
C PHE B 49 7.22 -35.06 18.39
N HIS B 50 6.95 -34.94 19.68
CA HIS B 50 7.80 -34.17 20.61
C HIS B 50 9.24 -34.68 20.53
N LYS B 51 9.42 -35.98 20.79
CA LYS B 51 10.74 -36.70 20.79
C LYS B 51 11.37 -36.50 19.39
N PHE B 52 10.62 -36.69 18.32
CA PHE B 52 11.16 -36.57 16.94
C PHE B 52 11.75 -35.16 16.68
N PHE B 53 11.00 -34.11 16.95
CA PHE B 53 11.47 -32.72 16.68
C PHE B 53 12.52 -32.29 17.73
N LYS B 54 12.45 -32.81 18.96
CA LYS B 54 13.49 -32.51 20.00
C LYS B 54 14.83 -33.04 19.43
N LYS B 55 14.86 -34.28 18.90
CA LYS B 55 16.10 -34.93 18.37
C LYS B 55 16.56 -34.13 17.13
N ALA B 56 15.62 -33.78 16.22
CA ALA B 56 15.92 -32.99 15.02
C ALA B 56 16.59 -31.66 15.45
N SER B 57 16.07 -31.03 16.48
CA SER B 57 16.62 -29.77 17.02
C SER B 57 18.05 -30.01 17.49
N GLU B 58 18.30 -31.06 18.23
CA GLU B 58 19.66 -31.29 18.81
C GLU B 58 20.63 -31.56 17.65
N GLU B 59 20.16 -32.28 16.62
CA GLU B 59 21.00 -32.61 15.46
C GLU B 59 21.39 -31.35 14.69
N GLU B 60 20.46 -30.42 14.50
CA GLU B 60 20.75 -29.16 13.77
C GLU B 60 21.80 -28.37 14.55
N ARG B 61 21.72 -28.37 15.89
N ARG B 61 21.74 -28.35 15.89
CA ARG B 61 22.69 -27.68 16.77
CA ARG B 61 22.76 -27.62 16.69
C ARG B 61 24.07 -28.35 16.63
C ARG B 61 24.10 -28.34 16.52
N GLU B 62 24.09 -29.67 16.45
CA GLU B 62 25.34 -30.42 16.11
C GLU B 62 25.86 -29.99 14.73
N HIS B 63 24.98 -29.84 13.74
N HIS B 63 24.98 -29.79 13.75
CA HIS B 63 25.40 -29.40 12.37
CA HIS B 63 25.41 -29.40 12.37
C HIS B 63 26.15 -28.05 12.53
C HIS B 63 26.11 -28.02 12.44
N ALA B 64 25.51 -27.11 13.24
CA ALA B 64 26.07 -25.78 13.53
C ALA B 64 27.47 -25.95 14.11
N GLU B 65 27.66 -26.88 15.04
CA GLU B 65 28.96 -27.07 15.76
C GLU B 65 29.95 -27.76 14.83
N LYS B 66 29.50 -28.63 13.92
CA LYS B 66 30.38 -29.25 12.87
C LYS B 66 31.03 -28.12 12.04
N LEU B 67 30.24 -27.13 11.65
CA LEU B 67 30.70 -25.99 10.81
C LEU B 67 31.63 -25.05 11.61
N MET B 68 31.35 -24.84 12.89
N MET B 68 31.36 -24.88 12.90
CA MET B 68 32.23 -24.06 13.78
CA MET B 68 32.19 -24.05 13.82
C MET B 68 33.59 -24.75 13.85
C MET B 68 33.55 -24.72 14.03
N LYS B 69 33.60 -26.05 14.06
CA LYS B 69 34.90 -26.80 14.17
C LYS B 69 35.65 -26.66 12.83
N PHE B 70 34.92 -26.75 11.70
CA PHE B 70 35.48 -26.71 10.33
C PHE B 70 36.11 -25.34 10.08
N GLN B 71 35.39 -24.28 10.46
CA GLN B 71 35.87 -22.89 10.31
C GLN B 71 37.23 -22.78 11.01
N ASN B 72 37.33 -23.19 12.26
CA ASN B 72 38.59 -23.18 13.05
C ASN B 72 39.66 -24.12 12.44
N GLN B 73 39.27 -25.30 11.96
CA GLN B 73 40.25 -26.22 11.31
C GLN B 73 40.96 -25.49 10.15
N ARG B 74 40.21 -24.73 9.33
CA ARG B 74 40.71 -24.16 8.06
C ARG B 74 41.37 -22.81 8.36
N GLY B 75 41.24 -22.30 9.60
CA GLY B 75 41.86 -21.05 10.05
C GLY B 75 40.99 -19.83 9.79
N GLY B 76 39.72 -20.05 9.49
CA GLY B 76 38.72 -18.97 9.38
C GLY B 76 38.25 -18.56 10.76
N ARG B 77 37.38 -17.56 10.82
CA ARG B 77 36.95 -17.02 12.14
C ARG B 77 35.43 -17.03 12.19
N ILE B 78 34.90 -17.66 13.23
CA ILE B 78 33.44 -17.77 13.48
C ILE B 78 32.95 -16.36 13.76
N VAL B 79 31.92 -15.95 13.02
CA VAL B 79 31.12 -14.72 13.29
C VAL B 79 29.65 -15.11 13.38
N LEU B 80 29.09 -14.93 14.57
CA LEU B 80 27.72 -15.32 14.95
C LEU B 80 26.80 -14.13 14.67
N SER B 81 25.59 -14.43 14.22
CA SER B 81 24.47 -13.46 14.05
C SER B 81 23.29 -13.88 14.92
N ASP B 82 22.33 -12.95 15.07
CA ASP B 82 21.07 -13.26 15.79
C ASP B 82 20.47 -14.52 15.20
N ILE B 83 19.93 -15.38 16.06
CA ILE B 83 19.13 -16.54 15.62
C ILE B 83 17.69 -16.03 15.56
N LYS B 84 17.15 -15.83 14.36
CA LYS B 84 15.79 -15.24 14.20
C LYS B 84 14.77 -16.22 14.80
N ARG B 85 13.71 -15.68 15.41
N ARG B 85 13.76 -15.70 15.48
CA ARG B 85 12.56 -16.47 15.94
CA ARG B 85 12.66 -16.58 15.94
C ARG B 85 11.85 -17.12 14.77
C ARG B 85 11.96 -17.19 14.72
N PRO B 86 11.34 -18.38 14.90
CA PRO B 86 10.57 -19.00 13.83
C PRO B 86 9.36 -18.15 13.43
N ASP B 87 8.82 -18.48 12.28
CA ASP B 87 7.75 -17.67 11.67
C ASP B 87 6.42 -17.92 12.36
N HIS B 88 6.28 -18.93 13.18
CA HIS B 88 4.98 -19.26 13.82
C HIS B 88 5.22 -19.64 15.28
N ASP B 89 4.25 -19.34 16.14
CA ASP B 89 4.21 -19.82 17.55
C ASP B 89 3.58 -21.22 17.57
N GLU B 90 2.67 -21.50 16.63
CA GLU B 90 1.88 -22.76 16.60
C GLU B 90 2.14 -23.47 15.26
N TRP B 91 2.05 -24.80 15.23
CA TRP B 91 2.49 -25.59 14.06
C TRP B 91 1.44 -26.59 13.55
N GLY B 92 0.22 -26.52 14.06
CA GLY B 92 -0.94 -27.23 13.50
C GLY B 92 -0.93 -28.70 13.85
N THR B 93 -1.25 -29.53 12.87
CA THR B 93 -1.33 -31.01 12.99
C THR B 93 0.08 -31.62 12.84
N GLY B 94 0.23 -32.87 13.26
CA GLY B 94 1.48 -33.60 12.97
C GLY B 94 1.83 -33.51 11.50
N LEU B 95 0.86 -33.67 10.61
CA LEU B 95 1.10 -33.59 9.15
C LEU B 95 1.62 -32.19 8.80
N GLU B 96 0.98 -31.14 9.27
CA GLU B 96 1.42 -29.75 8.93
C GLU B 96 2.85 -29.52 9.43
N ALA B 97 3.22 -30.01 10.61
CA ALA B 97 4.59 -29.83 11.15
C ALA B 97 5.62 -30.59 10.28
N MET B 98 5.26 -31.79 9.82
N MET B 98 5.29 -31.79 9.83
CA MET B 98 6.15 -32.63 8.98
CA MET B 98 6.21 -32.57 8.98
C MET B 98 6.37 -31.97 7.61
C MET B 98 6.43 -31.85 7.64
N GLU B 99 5.38 -31.21 7.10
CA GLU B 99 5.51 -30.48 5.81
C GLU B 99 6.42 -29.26 6.02
N VAL B 100 6.31 -28.58 7.15
CA VAL B 100 7.16 -27.41 7.49
C VAL B 100 8.61 -27.90 7.60
N ALA B 101 8.81 -29.05 8.25
CA ALA B 101 10.12 -29.72 8.38
C ALA B 101 10.72 -29.98 6.99
N LEU B 102 9.96 -30.58 6.09
CA LEU B 102 10.49 -30.94 4.75
C LEU B 102 10.89 -29.65 4.03
N ASN B 103 10.04 -28.61 4.10
CA ASN B 103 10.32 -27.33 3.40
C ASN B 103 11.62 -26.74 3.98
N LEU B 104 11.79 -26.80 5.31
CA LEU B 104 13.02 -26.29 5.98
C LEU B 104 14.25 -27.08 5.49
N GLU B 105 14.16 -28.40 5.46
CA GLU B 105 15.31 -29.28 5.11
C GLU B 105 15.70 -29.07 3.64
N LYS B 106 14.74 -28.82 2.75
CA LYS B 106 14.99 -28.52 1.32
C LYS B 106 15.65 -27.15 1.19
N ASN B 107 15.27 -26.16 2.02
N ASN B 107 15.19 -26.18 1.99
CA ASN B 107 15.93 -24.83 1.97
CA ASN B 107 15.86 -24.84 2.13
C ASN B 107 17.36 -24.96 2.54
C ASN B 107 17.32 -25.11 2.45
N VAL B 108 17.57 -25.77 3.59
CA VAL B 108 18.95 -26.00 4.12
C VAL B 108 19.79 -26.75 3.08
N ASN B 109 19.16 -27.69 2.37
CA ASN B 109 19.84 -28.49 1.32
C ASN B 109 20.33 -27.53 0.23
N GLN B 110 19.47 -26.63 -0.24
CA GLN B 110 19.86 -25.72 -1.36
C GLN B 110 21.02 -24.83 -0.89
N SER B 111 20.94 -24.36 0.34
CA SER B 111 21.97 -23.49 0.94
C SER B 111 23.29 -24.29 1.04
N LEU B 112 23.25 -25.58 1.37
CA LEU B 112 24.49 -26.42 1.37
C LEU B 112 25.03 -26.58 -0.05
N LEU B 113 24.17 -26.80 -1.05
CA LEU B 113 24.66 -26.92 -2.45
C LEU B 113 25.27 -25.58 -2.90
N ASP B 114 24.65 -24.47 -2.53
CA ASP B 114 25.19 -23.13 -2.80
C ASP B 114 26.57 -22.96 -2.15
N LEU B 115 26.75 -23.43 -0.94
CA LEU B 115 28.03 -23.32 -0.21
C LEU B 115 29.06 -24.22 -0.90
N HIS B 116 28.68 -25.43 -1.31
CA HIS B 116 29.53 -26.34 -2.13
C HIS B 116 29.96 -25.59 -3.43
N LYS B 117 29.06 -24.84 -4.06
CA LYS B 117 29.39 -24.08 -5.32
C LYS B 117 30.47 -23.01 -5.03
N VAL B 118 30.42 -22.37 -3.85
CA VAL B 118 31.42 -21.34 -3.43
C VAL B 118 32.79 -22.04 -3.27
N ALA B 119 32.79 -23.17 -2.58
CA ALA B 119 33.99 -24.01 -2.43
C ALA B 119 34.54 -24.35 -3.83
N GLU B 120 33.69 -24.84 -4.72
CA GLU B 120 34.10 -25.27 -6.08
C GLU B 120 34.67 -24.07 -6.85
N LYS B 121 34.00 -22.93 -6.83
CA LYS B 121 34.39 -21.70 -7.57
C LYS B 121 35.83 -21.33 -7.13
N ASN B 122 36.19 -21.58 -5.88
CA ASN B 122 37.47 -21.13 -5.28
C ASN B 122 38.46 -22.30 -5.20
N GLY B 123 38.18 -23.44 -5.86
CA GLY B 123 39.15 -24.54 -5.95
C GLY B 123 39.43 -25.20 -4.61
N ASP B 124 38.49 -25.17 -3.67
CA ASP B 124 38.70 -25.74 -2.32
C ASP B 124 38.24 -27.20 -2.34
N ASP B 125 39.12 -28.07 -2.81
CA ASP B 125 38.77 -29.51 -3.00
C ASP B 125 38.46 -30.14 -1.63
N GLN B 126 39.20 -29.79 -0.58
CA GLN B 126 38.94 -30.38 0.77
C GLN B 126 37.55 -29.92 1.27
N MET B 127 37.17 -28.66 1.10
CA MET B 127 35.88 -28.14 1.64
C MET B 127 34.69 -28.80 0.91
N GLN B 128 34.80 -29.01 -0.40
CA GLN B 128 33.75 -29.71 -1.19
C GLN B 128 33.55 -31.11 -0.65
N ASP B 129 34.66 -31.84 -0.48
CA ASP B 129 34.59 -33.22 0.05
C ASP B 129 34.01 -33.21 1.46
N TRP B 130 34.39 -32.26 2.31
CA TRP B 130 33.91 -32.16 3.71
C TRP B 130 32.39 -31.97 3.68
N ILE B 131 31.90 -31.07 2.83
CA ILE B 131 30.42 -30.81 2.73
C ILE B 131 29.74 -32.09 2.24
N GLU B 132 30.31 -32.75 1.23
CA GLU B 132 29.77 -34.01 0.66
C GLU B 132 29.67 -35.04 1.77
N SER B 133 30.78 -35.17 2.49
CA SER B 133 30.95 -36.25 3.47
C SER B 133 30.06 -35.99 4.70
N HIS B 134 29.90 -34.76 5.18
CA HIS B 134 29.14 -34.50 6.45
C HIS B 134 27.67 -34.17 6.17
N PHE B 135 27.34 -33.55 5.04
CA PHE B 135 26.02 -32.90 4.87
C PHE B 135 25.21 -33.42 3.68
N LEU B 136 25.79 -33.53 2.48
CA LEU B 136 24.94 -33.65 1.26
C LEU B 136 24.13 -34.95 1.28
N THR B 137 24.73 -36.07 1.70
CA THR B 137 23.98 -37.35 1.77
C THR B 137 23.03 -37.34 2.99
N GLU B 138 23.45 -36.76 4.09
N GLU B 138 23.44 -36.76 4.09
CA GLU B 138 22.63 -36.64 5.26
CA GLU B 138 22.59 -36.66 5.25
C GLU B 138 21.34 -35.93 4.92
C GLU B 138 21.31 -35.93 4.89
N GLN B 139 21.43 -34.80 4.22
CA GLN B 139 20.25 -33.99 3.79
C GLN B 139 19.36 -34.86 2.88
N VAL B 140 19.92 -35.58 1.91
CA VAL B 140 19.08 -36.43 1.02
C VAL B 140 18.29 -37.43 1.89
N GLU B 141 18.96 -38.07 2.85
CA GLU B 141 18.33 -39.07 3.76
C GLU B 141 17.22 -38.38 4.56
N ALA B 142 17.47 -37.19 5.11
CA ALA B 142 16.48 -36.47 5.95
C ALA B 142 15.23 -36.12 5.13
N ILE B 143 15.45 -35.67 3.89
N ILE B 143 15.40 -35.68 3.88
CA ILE B 143 14.35 -35.26 2.98
CA ILE B 143 14.25 -35.24 3.04
C ILE B 143 13.53 -36.50 2.62
C ILE B 143 13.51 -36.46 2.47
N LYS B 144 14.18 -37.61 2.32
CA LYS B 144 13.44 -38.87 1.97
C LYS B 144 12.61 -39.31 3.17
N GLU B 145 13.18 -39.26 4.38
CA GLU B 145 12.46 -39.71 5.60
C GLU B 145 11.21 -38.83 5.86
N LEU B 146 11.34 -37.51 5.78
N LEU B 146 11.37 -37.51 5.78
CA LEU B 146 10.21 -36.56 5.96
CA LEU B 146 10.27 -36.52 5.92
C LEU B 146 9.17 -36.83 4.88
C LEU B 146 9.18 -36.81 4.89
N SER B 147 9.58 -37.12 3.64
CA SER B 147 8.64 -37.39 2.52
C SER B 147 7.86 -38.68 2.86
N ASP B 148 8.55 -39.69 3.39
CA ASP B 148 7.94 -40.98 3.81
C ASP B 148 6.91 -40.68 4.91
N HIS B 149 7.26 -39.83 5.87
CA HIS B 149 6.37 -39.53 7.02
C HIS B 149 5.12 -38.82 6.52
N ILE B 150 5.28 -37.86 5.62
CA ILE B 150 4.15 -37.10 5.04
C ILE B 150 3.21 -38.07 4.32
N THR B 151 3.73 -38.96 3.48
CA THR B 151 2.92 -40.00 2.79
C THR B 151 2.16 -40.79 3.87
N ASN B 152 2.80 -41.18 4.96
CA ASN B 152 2.13 -42.06 5.96
C ASN B 152 1.09 -41.25 6.76
N LEU B 153 1.37 -39.97 7.04
CA LEU B 153 0.42 -39.17 7.84
C LEU B 153 -0.84 -38.90 7.00
N LYS B 154 -0.70 -38.80 5.68
CA LYS B 154 -1.85 -38.70 4.75
C LYS B 154 -2.57 -40.04 4.68
N ARG B 155 -1.86 -41.17 4.67
CA ARG B 155 -2.47 -42.52 4.63
C ARG B 155 -3.30 -42.73 5.90
N VAL B 156 -2.77 -42.48 7.09
CA VAL B 156 -3.49 -42.81 8.36
C VAL B 156 -4.62 -41.81 8.60
N GLY B 157 -4.51 -40.58 8.10
CA GLY B 157 -5.59 -39.59 8.28
C GLY B 157 -5.56 -38.99 9.68
N PRO B 158 -6.42 -37.99 9.94
CA PRO B 158 -6.43 -37.37 11.26
C PRO B 158 -6.99 -38.26 12.39
N GLY B 159 -6.94 -37.77 13.62
CA GLY B 159 -7.59 -38.42 14.77
C GLY B 159 -6.83 -39.68 15.15
N LEU B 160 -7.51 -40.83 15.16
CA LEU B 160 -6.88 -42.10 15.55
C LEU B 160 -5.61 -42.33 14.70
N GLY B 161 -5.63 -41.99 13.40
CA GLY B 161 -4.49 -42.24 12.50
C GLY B 161 -3.23 -41.53 12.99
N GLU B 162 -3.38 -40.24 13.27
CA GLU B 162 -2.28 -39.41 13.83
C GLU B 162 -1.76 -40.05 15.13
N TYR B 163 -2.65 -40.44 16.04
CA TYR B 163 -2.30 -41.09 17.31
C TYR B 163 -1.46 -42.35 17.03
N MET B 164 -1.93 -43.24 16.14
CA MET B 164 -1.23 -44.53 15.87
C MET B 164 0.12 -44.28 15.18
N PHE B 165 0.21 -43.28 14.33
CA PHE B 165 1.50 -42.91 13.67
C PHE B 165 2.48 -42.48 14.76
N ASP B 166 2.03 -41.63 15.68
CA ASP B 166 2.83 -41.19 16.83
C ASP B 166 3.30 -42.44 17.60
N LYS B 167 2.44 -43.45 17.79
CA LYS B 167 2.80 -44.64 18.61
C LYS B 167 3.71 -45.56 17.82
N GLU B 168 3.37 -45.81 16.56
CA GLU B 168 4.03 -46.88 15.76
C GLU B 168 5.30 -46.33 15.08
N THR B 169 5.21 -45.42 14.15
CA THR B 169 6.40 -44.93 13.44
C THR B 169 7.28 -44.08 14.38
N LEU B 170 6.71 -43.22 15.24
CA LEU B 170 7.55 -42.31 16.07
C LEU B 170 7.78 -42.91 17.45
N ASP B 171 7.30 -44.10 17.75
CA ASP B 171 7.68 -44.78 19.03
C ASP B 171 7.30 -43.85 20.19
N GLY B 172 6.10 -43.25 20.19
CA GLY B 172 5.64 -42.35 21.27
C GLY B 172 5.66 -43.03 22.64
N ASP B 173 6.39 -42.50 23.60
CA ASP B 173 6.48 -43.13 24.90
C ASP B 173 7.58 -44.18 24.95
N SER C 2 -20.23 25.10 11.47
CA SER C 2 -21.64 25.24 10.97
C SER C 2 -22.33 23.86 10.95
N LEU C 3 -23.28 23.64 11.87
CA LEU C 3 -23.95 22.34 12.09
C LEU C 3 -24.81 22.04 10.84
N SER C 4 -24.82 20.78 10.37
CA SER C 4 -25.66 20.34 9.25
C SER C 4 -27.13 20.52 9.63
N ARG C 5 -28.01 20.62 8.64
CA ARG C 5 -29.43 21.02 8.86
C ARG C 5 -30.18 20.01 9.73
N PRO C 6 -29.96 18.68 9.54
CA PRO C 6 -30.67 17.68 10.35
C PRO C 6 -30.17 17.54 11.80
N ARG C 7 -28.96 18.00 12.05
CA ARG C 7 -28.21 17.57 13.25
C ARG C 7 -28.99 17.99 14.50
N GLN C 8 -29.27 17.04 15.36
CA GLN C 8 -29.94 17.29 16.67
C GLN C 8 -29.56 16.14 17.61
N ASN C 9 -29.03 16.48 18.78
CA ASN C 9 -28.65 15.51 19.82
C ASN C 9 -27.63 14.50 19.26
N TYR C 10 -26.73 14.90 18.35
CA TYR C 10 -25.75 13.98 17.69
C TYR C 10 -24.34 14.49 17.95
N HIS C 11 -23.58 13.75 18.74
CA HIS C 11 -22.28 14.19 19.31
C HIS C 11 -21.16 13.81 18.37
N ALA C 12 -20.12 14.64 18.34
CA ALA C 12 -18.91 14.41 17.55
C ALA C 12 -18.32 13.03 17.89
N GLU C 13 -18.35 12.59 19.14
CA GLU C 13 -17.80 11.26 19.49
C GLU C 13 -18.62 10.14 18.81
N SER C 14 -19.95 10.36 18.72
CA SER C 14 -20.86 9.35 18.10
C SER C 14 -20.57 9.30 16.58
N GLU C 15 -20.45 10.47 15.96
CA GLU C 15 -20.18 10.59 14.51
C GLU C 15 -18.86 9.86 14.18
N SER C 16 -17.86 10.10 15.00
CA SER C 16 -16.54 9.50 14.77
C SER C 16 -16.59 7.97 15.00
N GLY C 17 -17.40 7.53 15.97
CA GLY C 17 -17.59 6.11 16.28
C GLY C 17 -18.29 5.39 15.16
N VAL C 18 -19.22 6.04 14.49
CA VAL C 18 -19.92 5.43 13.33
C VAL C 18 -18.92 5.24 12.19
N ASN C 19 -18.02 6.20 11.93
CA ASN C 19 -16.99 6.07 10.86
C ASN C 19 -16.08 4.89 11.22
N LYS C 20 -15.74 4.68 12.49
CA LYS C 20 -14.83 3.59 12.91
C LYS C 20 -15.59 2.28 12.70
N GLN C 21 -16.88 2.24 13.04
CA GLN C 21 -17.67 0.99 12.84
C GLN C 21 -17.82 0.75 11.33
N ILE C 22 -17.98 1.79 10.50
CA ILE C 22 -18.06 1.58 9.02
C ILE C 22 -16.81 0.81 8.55
N ASN C 23 -15.62 1.25 8.92
CA ASN C 23 -14.36 0.62 8.47
C ASN C 23 -14.29 -0.84 8.97
N LEU C 24 -14.71 -1.10 10.20
CA LEU C 24 -14.69 -2.46 10.78
C LEU C 24 -15.66 -3.35 10.00
N GLU C 25 -16.88 -2.88 9.70
CA GLU C 25 -17.82 -3.69 8.91
C GLU C 25 -17.17 -3.98 7.55
N LEU C 26 -16.52 -2.99 6.93
CA LEU C 26 -15.94 -3.22 5.58
C LEU C 26 -14.77 -4.19 5.73
N TYR C 27 -14.03 -4.09 6.83
CA TYR C 27 -12.91 -5.04 7.08
C TYR C 27 -13.45 -6.47 7.18
N ALA C 28 -14.50 -6.67 7.97
CA ALA C 28 -15.14 -8.00 8.15
C ALA C 28 -15.63 -8.51 6.80
N SER C 29 -16.19 -7.63 5.98
CA SER C 29 -16.63 -7.99 4.61
C SER C 29 -15.44 -8.57 3.84
N TYR C 30 -14.27 -7.93 3.91
CA TYR C 30 -13.07 -8.33 3.15
C TYR C 30 -12.55 -9.67 3.68
N VAL C 31 -12.56 -9.87 5.00
CA VAL C 31 -12.12 -11.18 5.58
C VAL C 31 -13.05 -12.30 5.04
N TYR C 32 -14.34 -12.12 5.09
CA TYR C 32 -15.31 -13.14 4.60
C TYR C 32 -15.11 -13.36 3.09
N GLN C 33 -14.85 -12.29 2.32
CA GLN C 33 -14.59 -12.41 0.87
C GLN C 33 -13.35 -13.28 0.63
N SER C 34 -12.26 -13.04 1.37
CA SER C 34 -11.00 -13.84 1.28
C SER C 34 -11.33 -15.29 1.54
N MET C 35 -12.06 -15.56 2.64
N MET C 35 -12.08 -15.56 2.62
CA MET C 35 -12.49 -16.91 3.05
CA MET C 35 -12.45 -16.96 3.00
C MET C 35 -13.32 -17.54 1.93
C MET C 35 -13.33 -17.56 1.90
N ALA C 36 -14.29 -16.80 1.38
CA ALA C 36 -15.21 -17.29 0.33
C ALA C 36 -14.39 -17.85 -0.84
N TRP C 37 -13.44 -17.08 -1.33
CA TRP C 37 -12.73 -17.42 -2.59
C TRP C 37 -11.63 -18.44 -2.31
N TYR C 38 -11.19 -18.52 -1.06
CA TYR C 38 -10.30 -19.63 -0.62
C TYR C 38 -11.03 -20.98 -0.79
N PHE C 39 -12.34 -21.03 -0.49
CA PHE C 39 -13.14 -22.28 -0.57
C PHE C 39 -13.50 -22.58 -2.03
N ASP C 40 -13.24 -21.67 -2.96
CA ASP C 40 -13.43 -21.93 -4.41
C ASP C 40 -12.11 -22.45 -5.02
N ARG C 41 -11.00 -22.48 -4.28
CA ARG C 41 -9.71 -23.05 -4.78
C ARG C 41 -9.91 -24.51 -5.20
N ASP C 42 -9.28 -24.94 -6.30
CA ASP C 42 -9.39 -26.34 -6.82
C ASP C 42 -8.92 -27.32 -5.77
N ASP C 43 -8.03 -26.88 -4.87
CA ASP C 43 -7.44 -27.75 -3.83
C ASP C 43 -8.17 -27.56 -2.50
N VAL C 44 -9.32 -26.86 -2.46
CA VAL C 44 -10.16 -26.76 -1.23
C VAL C 44 -11.56 -27.24 -1.62
N ALA C 45 -12.21 -26.54 -2.57
CA ALA C 45 -13.36 -27.04 -3.35
C ALA C 45 -14.53 -27.45 -2.42
N LEU C 46 -15.00 -26.52 -1.60
CA LEU C 46 -16.22 -26.71 -0.76
C LEU C 46 -17.19 -25.59 -1.11
N LYS C 47 -18.15 -25.90 -1.98
CA LYS C 47 -19.17 -24.95 -2.52
C LYS C 47 -20.06 -24.44 -1.37
N GLY C 48 -20.43 -25.28 -0.41
CA GLY C 48 -21.22 -24.84 0.75
C GLY C 48 -20.51 -23.73 1.54
N PHE C 49 -19.27 -23.97 1.90
CA PHE C 49 -18.45 -23.00 2.65
C PHE C 49 -18.31 -21.74 1.78
N HIS C 50 -18.06 -21.92 0.48
CA HIS C 50 -17.92 -20.79 -0.47
C HIS C 50 -19.15 -19.88 -0.37
N LYS C 51 -20.33 -20.47 -0.59
CA LYS C 51 -21.66 -19.79 -0.61
C LYS C 51 -21.87 -19.14 0.79
N PHE C 52 -21.58 -19.85 1.87
CA PHE C 52 -21.78 -19.31 3.24
C PHE C 52 -20.94 -18.04 3.48
N PHE C 53 -19.66 -18.07 3.19
CA PHE C 53 -18.78 -16.89 3.43
C PHE C 53 -19.04 -15.79 2.38
N LYS C 54 -19.43 -16.16 1.16
CA LYS C 54 -19.79 -15.16 0.11
C LYS C 54 -20.98 -14.33 0.67
N LYS C 55 -22.02 -15.00 1.23
CA LYS C 55 -23.24 -14.33 1.75
C LYS C 55 -22.83 -13.49 2.98
N ALA C 56 -22.01 -14.06 3.88
CA ALA C 56 -21.50 -13.34 5.07
C ALA C 56 -20.79 -12.05 4.63
N SER C 57 -19.98 -12.12 3.57
CA SER C 57 -19.24 -10.96 3.02
C SER C 57 -20.25 -9.92 2.55
N GLU C 58 -21.28 -10.33 1.82
CA GLU C 58 -22.24 -9.34 1.25
C GLU C 58 -23.00 -8.69 2.41
N GLU C 59 -23.32 -9.48 3.44
CA GLU C 59 -24.07 -8.95 4.61
C GLU C 59 -23.23 -7.91 5.34
N GLU C 60 -21.94 -8.14 5.53
CA GLU C 60 -21.07 -7.18 6.24
C GLU C 60 -21.01 -5.87 5.45
N ARG C 61 -20.97 -5.96 4.12
N ARG C 61 -20.97 -5.92 4.11
CA ARG C 61 -20.98 -4.79 3.19
CA ARG C 61 -20.96 -4.67 3.30
C ARG C 61 -22.30 -4.02 3.38
C ARG C 61 -22.32 -3.98 3.47
N GLU C 62 -23.41 -4.75 3.56
CA GLU C 62 -24.74 -4.14 3.88
C GLU C 62 -24.67 -3.45 5.25
N HIS C 63 -24.03 -4.06 6.24
N HIS C 63 -24.01 -4.07 6.22
CA HIS C 63 -23.89 -3.43 7.60
CA HIS C 63 -23.86 -3.53 7.60
C HIS C 63 -23.17 -2.11 7.43
C HIS C 63 -23.08 -2.21 7.56
N ALA C 64 -22.07 -2.11 6.69
CA ALA C 64 -21.28 -0.89 6.42
C ALA C 64 -22.23 0.17 5.85
N GLU C 65 -23.12 -0.21 4.92
CA GLU C 65 -23.98 0.76 4.19
C GLU C 65 -25.12 1.20 5.12
N LYS C 66 -25.59 0.34 6.03
CA LYS C 66 -26.59 0.73 7.08
C LYS C 66 -26.01 1.89 7.89
N LEU C 67 -24.73 1.81 8.26
CA LEU C 67 -24.05 2.85 9.09
C LEU C 67 -23.81 4.13 8.27
N MET C 68 -23.50 4.00 6.98
CA MET C 68 -23.33 5.17 6.09
C MET C 68 -24.68 5.89 6.01
N LYS C 69 -25.78 5.17 5.82
CA LYS C 69 -27.12 5.82 5.73
C LYS C 69 -27.42 6.53 7.08
N PHE C 70 -27.08 5.89 8.19
CA PHE C 70 -27.37 6.38 9.56
C PHE C 70 -26.60 7.69 9.78
N GLN C 71 -25.32 7.70 9.39
CA GLN C 71 -24.44 8.88 9.52
C GLN C 71 -25.12 10.06 8.82
N ASN C 72 -25.54 9.87 7.57
CA ASN C 72 -26.24 10.91 6.77
C ASN C 72 -27.60 11.27 7.39
N GLN C 73 -28.35 10.30 7.90
CA GLN C 73 -29.66 10.59 8.55
C GLN C 73 -29.45 11.60 9.70
N ARG C 74 -28.39 11.42 10.51
CA ARG C 74 -28.20 12.17 11.77
C ARG C 74 -27.45 13.47 11.45
N GLY C 75 -26.97 13.65 10.22
CA GLY C 75 -26.30 14.89 9.76
C GLY C 75 -24.80 14.85 9.99
N GLY C 76 -24.26 13.66 10.28
CA GLY C 76 -22.80 13.45 10.38
C GLY C 76 -22.21 13.27 9.00
N ARG C 77 -20.89 13.11 8.94
CA ARG C 77 -20.20 13.04 7.63
C ARG C 77 -19.35 11.79 7.59
N ILE C 78 -19.57 11.00 6.54
CA ILE C 78 -18.85 9.74 6.30
C ILE C 78 -17.40 10.12 6.01
N VAL C 79 -16.48 9.51 6.76
CA VAL C 79 -15.01 9.56 6.48
C VAL C 79 -14.51 8.12 6.40
N LEU C 80 -14.05 7.76 5.21
CA LEU C 80 -13.60 6.39 4.85
C LEU C 80 -12.10 6.30 5.13
N SER C 81 -11.66 5.13 5.58
CA SER C 81 -10.23 4.79 5.77
C SER C 81 -9.89 3.55 4.93
N ASP C 82 -8.59 3.30 4.74
CA ASP C 82 -8.14 2.07 4.03
C ASP C 82 -8.85 0.85 4.64
N ILE C 83 -9.25 -0.09 3.80
CA ILE C 83 -9.75 -1.40 4.25
C ILE C 83 -8.52 -2.30 4.31
N LYS C 84 -8.03 -2.63 5.51
CA LYS C 84 -6.79 -3.41 5.68
C LYS C 84 -7.03 -4.82 5.10
N ARG C 85 -5.99 -5.38 4.47
N ARG C 85 -6.03 -5.37 4.41
CA ARG C 85 -5.94 -6.80 3.99
CA ARG C 85 -6.16 -6.78 3.95
C ARG C 85 -6.19 -7.71 5.19
C ARG C 85 -6.23 -7.69 5.18
N PRO C 86 -6.88 -8.87 5.04
CA PRO C 86 -6.95 -9.84 6.12
C PRO C 86 -5.56 -10.35 6.53
N ASP C 87 -5.50 -10.96 7.70
CA ASP C 87 -4.22 -11.38 8.29
C ASP C 87 -3.68 -12.62 7.60
N HIS C 88 -4.44 -13.33 6.79
CA HIS C 88 -4.01 -14.61 6.17
C HIS C 88 -4.46 -14.62 4.72
N ASP C 89 -3.66 -15.26 3.86
CA ASP C 89 -4.04 -15.60 2.47
C ASP C 89 -4.83 -16.92 2.47
N GLU C 90 -4.54 -17.82 3.42
CA GLU C 90 -5.14 -19.17 3.47
C GLU C 90 -5.87 -19.36 4.81
N TRP C 91 -6.91 -20.19 4.84
CA TRP C 91 -7.80 -20.23 6.03
C TRP C 91 -8.01 -21.66 6.55
N GLY C 92 -7.25 -22.63 6.05
CA GLY C 92 -7.18 -23.99 6.64
C GLY C 92 -8.41 -24.79 6.29
N THR C 93 -8.93 -25.53 7.28
CA THR C 93 -10.09 -26.43 7.16
C THR C 93 -11.39 -25.62 7.31
N GLY C 94 -12.53 -26.20 6.93
CA GLY C 94 -13.83 -25.57 7.22
C GLY C 94 -13.95 -25.21 8.69
N LEU C 95 -13.51 -26.08 9.60
CA LEU C 95 -13.58 -25.81 11.06
C LEU C 95 -12.73 -24.59 11.38
N GLU C 96 -11.51 -24.52 10.88
N GLU C 96 -11.50 -24.54 10.90
CA GLU C 96 -10.57 -23.40 11.18
CA GLU C 96 -10.60 -23.39 11.21
C GLU C 96 -11.16 -22.07 10.68
C GLU C 96 -11.23 -22.08 10.71
N ALA C 97 -11.83 -22.07 9.52
CA ALA C 97 -12.47 -20.84 8.97
C ALA C 97 -13.68 -20.44 9.83
N MET C 98 -14.45 -21.38 10.32
CA MET C 98 -15.62 -21.05 11.17
C MET C 98 -15.15 -20.45 12.50
N GLU C 99 -14.02 -20.93 13.03
CA GLU C 99 -13.49 -20.40 14.32
C GLU C 99 -12.98 -18.97 14.09
N VAL C 100 -12.37 -18.70 12.95
CA VAL C 100 -11.90 -17.33 12.58
C VAL C 100 -13.12 -16.42 12.47
N ALA C 101 -14.18 -16.91 11.83
CA ALA C 101 -15.48 -16.21 11.70
C ALA C 101 -16.03 -15.84 13.08
N LEU C 102 -16.08 -16.79 14.00
CA LEU C 102 -16.67 -16.54 15.34
C LEU C 102 -15.83 -15.48 16.05
N ASN C 103 -14.49 -15.59 15.99
CA ASN C 103 -13.60 -14.63 16.67
C ASN C 103 -13.85 -13.22 16.07
N LEU C 104 -13.99 -13.12 14.74
CA LEU C 104 -14.28 -11.82 14.07
C LEU C 104 -15.62 -11.26 14.55
N GLU C 105 -16.66 -12.08 14.59
CA GLU C 105 -18.04 -11.64 14.93
C GLU C 105 -18.08 -11.17 16.39
N LYS C 106 -17.31 -11.82 17.27
CA LYS C 106 -17.19 -11.43 18.71
C LYS C 106 -16.44 -10.12 18.82
N ASN C 107 -15.42 -9.87 17.99
N ASN C 107 -15.38 -9.94 18.02
CA ASN C 107 -14.69 -8.57 18.01
CA ASN C 107 -14.67 -8.63 17.87
C ASN C 107 -15.61 -7.46 17.45
C ASN C 107 -15.70 -7.56 17.54
N VAL C 108 -16.41 -7.76 16.41
CA VAL C 108 -17.39 -6.76 15.86
C VAL C 108 -18.47 -6.49 16.91
N ASN C 109 -18.89 -7.53 17.63
CA ASN C 109 -19.91 -7.41 18.69
C ASN C 109 -19.39 -6.44 19.77
N GLN C 110 -18.16 -6.62 20.23
CA GLN C 110 -17.63 -5.79 21.34
C GLN C 110 -17.55 -4.34 20.86
N SER C 111 -17.13 -4.14 19.63
CA SER C 111 -17.01 -2.82 19.00
C SER C 111 -18.41 -2.18 18.89
N LEU C 112 -19.45 -2.95 18.59
CA LEU C 112 -20.84 -2.40 18.59
C LEU C 112 -21.27 -2.02 20.00
N LEU C 113 -20.96 -2.85 21.01
CA LEU C 113 -21.33 -2.50 22.41
C LEU C 113 -20.56 -1.24 22.83
N ASP C 114 -19.29 -1.13 22.45
CA ASP C 114 -18.50 0.10 22.71
C ASP C 114 -19.15 1.31 22.03
N LEU C 115 -19.64 1.17 20.83
CA LEU C 115 -20.30 2.29 20.11
C LEU C 115 -21.61 2.65 20.80
N HIS C 116 -22.39 1.66 21.21
CA HIS C 116 -23.61 1.85 22.06
C HIS C 116 -23.23 2.64 23.33
N LYS C 117 -22.09 2.33 23.96
CA LYS C 117 -21.65 3.06 25.21
C LYS C 117 -21.36 4.55 24.90
N VAL C 118 -20.83 4.86 23.71
CA VAL C 118 -20.55 6.26 23.27
C VAL C 118 -21.88 6.99 23.12
N ALA C 119 -22.82 6.36 22.44
CA ALA C 119 -24.20 6.84 22.31
C ALA C 119 -24.78 7.13 23.69
N GLU C 120 -24.71 6.15 24.60
CA GLU C 120 -25.28 6.26 25.96
C GLU C 120 -24.61 7.43 26.71
N LYS C 121 -23.29 7.51 26.67
CA LYS C 121 -22.49 8.54 27.40
C LYS C 121 -23.00 9.93 26.96
N ASN C 122 -23.43 10.06 25.70
CA ASN C 122 -23.79 11.38 25.10
C ASN C 122 -25.33 11.53 25.02
N GLY C 123 -26.10 10.68 25.70
CA GLY C 123 -27.55 10.84 25.82
C GLY C 123 -28.26 10.69 24.47
N ASP C 124 -27.69 9.92 23.54
CA ASP C 124 -28.29 9.74 22.20
C ASP C 124 -29.24 8.54 22.23
N ASP C 125 -30.47 8.76 22.70
CA ASP C 125 -31.44 7.66 22.90
C ASP C 125 -31.79 7.03 21.55
N GLN C 126 -31.92 7.83 20.50
CA GLN C 126 -32.26 7.28 19.16
C GLN C 126 -31.12 6.37 18.65
N MET C 127 -29.86 6.79 18.81
N MET C 127 -29.85 6.79 18.78
CA MET C 127 -28.71 6.01 18.26
CA MET C 127 -28.72 5.98 18.24
C MET C 127 -28.57 4.67 19.01
C MET C 127 -28.62 4.65 18.99
N GLN C 128 -28.80 4.67 20.33
CA GLN C 128 -28.78 3.43 21.14
C GLN C 128 -29.86 2.48 20.63
N ASP C 129 -31.07 2.97 20.42
CA ASP C 129 -32.17 2.11 19.91
C ASP C 129 -31.83 1.60 18.51
N TRP C 130 -31.27 2.45 17.65
CA TRP C 130 -30.92 2.09 16.25
C TRP C 130 -29.90 0.94 16.29
N ILE C 131 -28.87 1.05 17.13
CA ILE C 131 -27.82 -0.01 17.24
C ILE C 131 -28.48 -1.30 17.75
N GLU C 132 -29.34 -1.19 18.75
CA GLU C 132 -30.10 -2.33 19.31
C GLU C 132 -30.93 -2.99 18.21
N SER C 133 -31.64 -2.17 17.44
N SER C 133 -31.72 -2.18 17.48
CA SER C 133 -32.63 -2.60 16.42
CA SER C 133 -32.63 -2.67 16.41
C SER C 133 -31.94 -3.28 15.22
C SER C 133 -31.82 -3.40 15.34
N HIS C 134 -30.81 -2.73 14.79
CA HIS C 134 -30.14 -3.19 13.54
C HIS C 134 -29.05 -4.22 13.86
N PHE C 135 -28.36 -4.12 14.98
CA PHE C 135 -27.06 -4.84 15.16
C PHE C 135 -27.03 -5.79 16.36
N LEU C 136 -27.42 -5.36 17.55
CA LEU C 136 -27.05 -6.11 18.77
C LEU C 136 -27.67 -7.52 18.76
N THR C 137 -28.92 -7.67 18.33
CA THR C 137 -29.57 -9.01 18.29
C THR C 137 -29.03 -9.82 17.07
N GLU C 138 -28.84 -9.20 15.89
N GLU C 138 -28.74 -9.14 15.99
CA GLU C 138 -28.29 -9.87 14.66
CA GLU C 138 -28.16 -9.78 14.84
C GLU C 138 -26.95 -10.52 14.99
C GLU C 138 -26.81 -10.37 15.20
N GLN C 139 -26.17 -9.84 15.83
N GLN C 139 -25.94 -9.64 15.88
CA GLN C 139 -24.80 -10.26 16.24
CA GLN C 139 -24.63 -10.22 16.31
C GLN C 139 -24.86 -11.45 17.21
C GLN C 139 -24.91 -11.49 17.16
N VAL C 140 -25.80 -11.39 18.16
CA VAL C 140 -26.04 -12.53 19.09
C VAL C 140 -26.45 -13.76 18.25
N GLU C 141 -27.32 -13.56 17.27
CA GLU C 141 -27.81 -14.66 16.38
C GLU C 141 -26.62 -15.20 15.57
N ALA C 142 -25.78 -14.34 15.01
CA ALA C 142 -24.63 -14.76 14.16
C ALA C 142 -23.63 -15.58 14.99
N ILE C 143 -23.38 -15.12 16.21
N ILE C 143 -23.38 -15.16 16.23
CA ILE C 143 -22.41 -15.78 17.13
CA ILE C 143 -22.36 -15.82 17.10
C ILE C 143 -22.96 -17.15 17.52
C ILE C 143 -22.92 -17.12 17.67
N LYS C 144 -24.25 -17.25 17.83
CA LYS C 144 -24.85 -18.55 18.21
C LYS C 144 -24.77 -19.50 17.02
N GLU C 145 -25.06 -19.02 15.80
CA GLU C 145 -25.02 -19.88 14.59
C GLU C 145 -23.60 -20.42 14.33
N LEU C 146 -22.58 -19.56 14.38
CA LEU C 146 -21.16 -19.96 14.20
C LEU C 146 -20.79 -20.97 15.30
N SER C 147 -21.25 -20.78 16.53
CA SER C 147 -20.93 -21.70 17.66
C SER C 147 -21.56 -23.06 17.35
N ASP C 148 -22.78 -23.08 16.83
CA ASP C 148 -23.50 -24.32 16.44
C ASP C 148 -22.66 -25.01 15.33
N HIS C 149 -22.21 -24.25 14.34
CA HIS C 149 -21.45 -24.83 13.19
C HIS C 149 -20.15 -25.45 13.70
N ILE C 150 -19.45 -24.77 14.60
CA ILE C 150 -18.18 -25.27 15.17
C ILE C 150 -18.44 -26.59 15.92
N THR C 151 -19.45 -26.65 16.77
CA THR C 151 -19.85 -27.89 17.46
C THR C 151 -20.07 -28.98 16.41
N ASN C 152 -20.79 -28.69 15.32
CA ASN C 152 -21.13 -29.75 14.33
C ASN C 152 -19.88 -30.14 13.52
N LEU C 153 -18.99 -29.18 13.24
CA LEU C 153 -17.79 -29.53 12.43
C LEU C 153 -16.86 -30.41 13.26
N LYS C 154 -16.86 -30.23 14.59
CA LYS C 154 -16.11 -31.11 15.53
C LYS C 154 -16.81 -32.47 15.62
N ARG C 155 -18.14 -32.51 15.66
CA ARG C 155 -18.91 -33.78 15.69
C ARG C 155 -18.61 -34.59 14.42
N VAL C 156 -18.72 -34.02 13.24
CA VAL C 156 -18.60 -34.81 11.98
C VAL C 156 -17.14 -35.17 11.73
N GLY C 157 -16.18 -34.39 12.22
CA GLY C 157 -14.76 -34.72 12.01
C GLY C 157 -14.31 -34.36 10.58
N PRO C 158 -13.00 -34.52 10.33
CA PRO C 158 -12.46 -34.21 9.00
C PRO C 158 -12.89 -35.20 7.89
N GLY C 159 -12.52 -34.90 6.65
CA GLY C 159 -12.69 -35.81 5.52
C GLY C 159 -14.17 -35.90 5.15
N LEU C 160 -14.73 -37.11 5.18
CA LEU C 160 -16.13 -37.30 4.79
C LEU C 160 -17.03 -36.37 5.63
N GLY C 161 -16.74 -36.19 6.92
CA GLY C 161 -17.60 -35.38 7.82
C GLY C 161 -17.70 -33.95 7.32
N GLU C 162 -16.54 -33.36 7.01
CA GLU C 162 -16.50 -31.99 6.46
C GLU C 162 -17.32 -31.92 5.16
N TYR C 163 -17.14 -32.91 4.27
CA TYR C 163 -17.89 -32.97 2.99
C TYR C 163 -19.40 -33.02 3.28
N MET C 164 -19.85 -33.89 4.18
CA MET C 164 -21.31 -34.03 4.47
C MET C 164 -21.87 -32.76 5.14
N PHE C 165 -21.08 -32.11 5.99
CA PHE C 165 -21.50 -30.83 6.64
C PHE C 165 -21.72 -29.80 5.52
N ASP C 166 -20.78 -29.71 4.60
CA ASP C 166 -20.89 -28.80 3.45
C ASP C 166 -22.18 -29.14 2.69
N LYS C 167 -22.54 -30.40 2.52
CA LYS C 167 -23.74 -30.79 1.70
C LYS C 167 -25.00 -30.54 2.50
N GLU C 168 -25.01 -30.96 3.76
CA GLU C 168 -26.26 -31.03 4.57
C GLU C 168 -26.53 -29.65 5.21
N THR C 169 -25.70 -29.20 6.12
CA THR C 169 -25.97 -27.93 6.84
C THR C 169 -25.76 -26.74 5.90
N LEU C 170 -24.74 -26.73 5.03
CA LEU C 170 -24.47 -25.53 4.18
C LEU C 170 -25.10 -25.69 2.79
N ASP C 171 -25.81 -26.77 2.51
CA ASP C 171 -26.59 -26.86 1.25
C ASP C 171 -25.62 -26.64 0.07
N GLY C 172 -24.44 -27.28 0.07
CA GLY C 172 -23.45 -27.17 -1.03
C GLY C 172 -24.05 -27.58 -2.39
N ASP C 173 -24.05 -26.68 -3.35
CA ASP C 173 -24.64 -26.98 -4.65
C ASP C 173 -26.14 -26.64 -4.67
N SER D 2 5.66 -26.44 -6.44
CA SER D 2 4.67 -27.49 -6.82
C SER D 2 3.44 -26.85 -7.50
N LEU D 3 3.28 -27.08 -8.81
CA LEU D 3 2.25 -26.42 -9.65
C LEU D 3 0.87 -26.98 -9.20
N SER D 4 -0.15 -26.11 -9.12
CA SER D 4 -1.53 -26.50 -8.77
C SER D 4 -2.06 -27.43 -9.87
N ARG D 5 -3.05 -28.25 -9.56
CA ARG D 5 -3.50 -29.36 -10.45
C ARG D 5 -4.04 -28.82 -11.79
N PRO D 6 -4.81 -27.72 -11.80
CA PRO D 6 -5.35 -27.19 -13.05
C PRO D 6 -4.34 -26.48 -13.96
N ARG D 7 -3.21 -26.05 -13.39
CA ARG D 7 -2.38 -25.01 -14.01
C ARG D 7 -1.86 -25.52 -15.35
N GLN D 8 -2.09 -24.78 -16.41
CA GLN D 8 -1.60 -25.09 -17.77
C GLN D 8 -1.53 -23.76 -18.56
N ASN D 9 -0.37 -23.47 -19.12
CA ASN D 9 -0.13 -22.25 -19.93
C ASN D 9 -0.46 -21.00 -19.12
N TYR D 10 -0.23 -20.97 -17.81
CA TYR D 10 -0.58 -19.82 -16.92
C TYR D 10 0.68 -19.33 -16.21
N HIS D 11 1.12 -18.13 -16.57
CA HIS D 11 2.45 -17.58 -16.21
C HIS D 11 2.34 -16.82 -14.90
N ALA D 12 3.41 -16.86 -14.13
CA ALA D 12 3.51 -16.12 -12.85
C ALA D 12 3.22 -14.63 -13.08
N GLU D 13 3.66 -14.04 -14.19
CA GLU D 13 3.38 -12.60 -14.43
C GLU D 13 1.87 -12.37 -14.60
N SER D 14 1.17 -13.33 -15.23
CA SER D 14 -0.29 -13.24 -15.47
C SER D 14 -1.02 -13.35 -14.11
N GLU D 15 -0.60 -14.31 -13.29
CA GLU D 15 -1.18 -14.56 -11.95
C GLU D 15 -1.03 -13.28 -11.11
N SER D 16 0.15 -12.70 -11.14
CA SER D 16 0.42 -11.49 -10.35
C SER D 16 -0.41 -10.30 -10.89
N GLY D 17 -0.57 -10.22 -12.22
CA GLY D 17 -1.35 -9.16 -12.87
C GLY D 17 -2.81 -9.27 -12.51
N VAL D 18 -3.34 -10.47 -12.37
CA VAL D 18 -4.76 -10.66 -11.97
C VAL D 18 -4.94 -10.16 -10.54
N ASN D 19 -4.01 -10.44 -9.61
CA ASN D 19 -4.10 -9.94 -8.21
C ASN D 19 -4.08 -8.41 -8.23
N LYS D 20 -3.28 -7.78 -9.08
CA LYS D 20 -3.17 -6.30 -9.15
C LYS D 20 -4.51 -5.79 -9.68
N GLN D 21 -5.08 -6.44 -10.71
CA GLN D 21 -6.40 -5.97 -11.25
C GLN D 21 -7.48 -6.20 -10.16
N ILE D 22 -7.43 -7.28 -9.40
CA ILE D 22 -8.43 -7.48 -8.31
C ILE D 22 -8.44 -6.25 -7.40
N ASN D 23 -7.29 -5.81 -6.93
CA ASN D 23 -7.19 -4.67 -5.99
C ASN D 23 -7.73 -3.38 -6.64
N LEU D 24 -7.43 -3.16 -7.93
CA LEU D 24 -7.90 -1.96 -8.67
C LEU D 24 -9.42 -2.02 -8.77
N GLU D 25 -10.02 -3.17 -9.12
CA GLU D 25 -11.49 -3.27 -9.20
C GLU D 25 -12.06 -2.96 -7.81
N LEU D 26 -11.45 -3.47 -6.73
CA LEU D 26 -12.00 -3.23 -5.38
C LEU D 26 -11.82 -1.75 -5.04
N TYR D 27 -10.72 -1.15 -5.47
CA TYR D 27 -10.50 0.31 -5.26
C TYR D 27 -11.60 1.13 -5.94
N ALA D 28 -11.86 0.82 -7.21
CA ALA D 28 -12.92 1.52 -8.00
C ALA D 28 -14.26 1.32 -7.30
N SER D 29 -14.51 0.13 -6.79
CA SER D 29 -15.75 -0.14 -6.03
C SER D 29 -15.86 0.86 -4.86
N TYR D 30 -14.77 1.07 -4.13
CA TYR D 30 -14.74 1.93 -2.93
C TYR D 30 -14.96 3.39 -3.34
N VAL D 31 -14.34 3.82 -4.44
CA VAL D 31 -14.53 5.22 -4.93
C VAL D 31 -16.03 5.41 -5.25
N TYR D 32 -16.64 4.49 -5.97
CA TYR D 32 -18.07 4.62 -6.37
C TYR D 32 -18.95 4.58 -5.10
N GLN D 33 -18.60 3.76 -4.10
CA GLN D 33 -19.34 3.70 -2.82
C GLN D 33 -19.27 5.07 -2.12
N SER D 34 -18.09 5.68 -2.04
CA SER D 34 -17.90 7.03 -1.43
C SER D 34 -18.79 8.02 -2.14
N MET D 35 -18.75 8.01 -3.47
CA MET D 35 -19.57 8.94 -4.30
C MET D 35 -21.07 8.67 -4.03
N ALA D 36 -21.47 7.40 -3.98
CA ALA D 36 -22.89 7.04 -3.79
C ALA D 36 -23.42 7.69 -2.51
N TRP D 37 -22.69 7.54 -1.41
CA TRP D 37 -23.21 7.98 -0.08
C TRP D 37 -23.02 9.47 0.10
N TYR D 38 -22.12 10.06 -0.65
CA TYR D 38 -22.01 11.55 -0.73
C TYR D 38 -23.31 12.12 -1.30
N PHE D 39 -23.91 11.46 -2.31
CA PHE D 39 -25.17 11.94 -2.97
C PHE D 39 -26.40 11.63 -2.08
N ASP D 40 -26.22 10.88 -1.00
CA ASP D 40 -27.30 10.66 0.00
C ASP D 40 -27.20 11.71 1.12
N ARG D 41 -26.16 12.56 1.16
CA ARG D 41 -26.03 13.65 2.18
C ARG D 41 -27.26 14.57 2.09
N ASP D 42 -27.77 15.07 3.23
CA ASP D 42 -28.96 15.96 3.28
C ASP D 42 -28.67 17.23 2.49
N ASP D 43 -27.39 17.60 2.36
CA ASP D 43 -26.99 18.86 1.69
C ASP D 43 -26.55 18.56 0.25
N VAL D 44 -26.78 17.36 -0.26
CA VAL D 44 -26.49 17.03 -1.71
C VAL D 44 -27.80 16.48 -2.29
N ALA D 45 -28.28 15.36 -1.75
CA ALA D 45 -29.69 14.88 -1.89
C ALA D 45 -30.07 14.71 -3.37
N LEU D 46 -29.33 13.89 -4.11
CA LEU D 46 -29.67 13.50 -5.49
C LEU D 46 -29.75 11.97 -5.52
N LYS D 47 -30.99 11.47 -5.44
CA LYS D 47 -31.32 10.01 -5.38
C LYS D 47 -30.89 9.32 -6.69
N GLY D 48 -31.04 9.97 -7.84
CA GLY D 48 -30.59 9.40 -9.11
C GLY D 48 -29.08 9.13 -9.11
N PHE D 49 -28.30 10.13 -8.74
CA PHE D 49 -26.83 10.02 -8.69
C PHE D 49 -26.48 8.94 -7.65
N HIS D 50 -27.16 8.96 -6.51
CA HIS D 50 -26.94 7.97 -5.43
C HIS D 50 -27.07 6.55 -6.00
N LYS D 51 -28.21 6.27 -6.62
CA LYS D 51 -28.54 4.92 -7.19
C LYS D 51 -27.51 4.59 -8.29
N PHE D 52 -27.20 5.54 -9.17
CA PHE D 52 -26.21 5.31 -10.25
C PHE D 52 -24.86 4.87 -9.69
N PHE D 53 -24.29 5.58 -8.73
CA PHE D 53 -22.95 5.24 -8.18
C PHE D 53 -23.05 4.02 -7.25
N LYS D 54 -24.18 3.81 -6.57
CA LYS D 54 -24.38 2.59 -5.73
C LYS D 54 -24.26 1.38 -6.68
N LYS D 55 -24.94 1.40 -7.85
CA LYS D 55 -24.94 0.26 -8.81
C LYS D 55 -23.51 0.11 -9.38
N ALA D 56 -22.87 1.22 -9.76
CA ALA D 56 -21.48 1.22 -10.28
C ALA D 56 -20.56 0.54 -9.25
N SER D 57 -20.73 0.85 -7.97
CA SER D 57 -19.93 0.27 -6.87
C SER D 57 -20.17 -1.24 -6.82
N GLU D 58 -21.40 -1.68 -6.92
CA GLU D 58 -21.69 -3.14 -6.81
C GLU D 58 -21.08 -3.85 -8.00
N GLU D 59 -21.15 -3.22 -9.17
CA GLU D 59 -20.61 -3.82 -10.42
C GLU D 59 -19.09 -3.98 -10.32
N GLU D 60 -18.39 -2.99 -9.78
CA GLU D 60 -16.91 -3.06 -9.65
C GLU D 60 -16.55 -4.20 -8.71
N ARG D 61 -17.33 -4.41 -7.64
N ARG D 61 -17.33 -4.37 -7.64
CA ARG D 61 -17.04 -5.54 -6.71
CA ARG D 61 -17.20 -5.48 -6.66
C ARG D 61 -17.31 -6.85 -7.46
C ARG D 61 -17.38 -6.82 -7.39
N GLU D 62 -18.33 -6.88 -8.32
CA GLU D 62 -18.55 -8.08 -9.20
C GLU D 62 -17.32 -8.29 -10.10
N HIS D 63 -16.75 -7.22 -10.67
N HIS D 63 -16.73 -7.22 -10.63
CA HIS D 63 -15.54 -7.33 -11.52
CA HIS D 63 -15.56 -7.29 -11.53
C HIS D 63 -14.43 -7.99 -10.69
C HIS D 63 -14.35 -7.83 -10.77
N ALA D 64 -14.21 -7.49 -9.49
CA ALA D 64 -13.20 -8.04 -8.58
C ALA D 64 -13.43 -9.54 -8.42
N GLU D 65 -14.69 -9.97 -8.26
CA GLU D 65 -15.05 -11.38 -7.97
C GLU D 65 -14.92 -12.20 -9.26
N LYS D 66 -15.18 -11.61 -10.43
CA LYS D 66 -14.94 -12.29 -11.75
C LYS D 66 -13.44 -12.68 -11.82
N LEU D 67 -12.55 -11.78 -11.42
CA LEU D 67 -11.07 -12.00 -11.47
C LEU D 67 -10.63 -13.03 -10.42
N MET D 68 -11.24 -13.02 -9.25
N MET D 68 -11.27 -13.03 -9.25
CA MET D 68 -10.97 -14.03 -8.20
CA MET D 68 -11.00 -14.00 -8.16
C MET D 68 -11.35 -15.41 -8.75
C MET D 68 -11.43 -15.41 -8.59
N LYS D 69 -12.52 -15.52 -9.37
CA LYS D 69 -12.97 -16.85 -9.91
C LYS D 69 -11.97 -17.29 -10.99
N PHE D 70 -11.52 -16.36 -11.83
CA PHE D 70 -10.59 -16.62 -12.97
C PHE D 70 -9.26 -17.13 -12.43
N GLN D 71 -8.73 -16.46 -11.39
CA GLN D 71 -7.46 -16.82 -10.75
C GLN D 71 -7.56 -18.29 -10.33
N ASN D 72 -8.60 -18.66 -9.60
CA ASN D 72 -8.84 -20.06 -9.15
C ASN D 72 -9.05 -21.02 -10.34
N GLN D 73 -9.77 -20.59 -11.37
CA GLN D 73 -9.99 -21.47 -12.57
C GLN D 73 -8.61 -21.88 -13.15
N ARG D 74 -7.66 -20.94 -13.23
CA ARG D 74 -6.38 -21.13 -13.97
C ARG D 74 -5.36 -21.76 -13.02
N GLY D 75 -5.69 -21.88 -11.72
CA GLY D 75 -4.85 -22.53 -10.71
C GLY D 75 -3.87 -21.57 -10.08
N GLY D 76 -4.10 -20.27 -10.25
CA GLY D 76 -3.32 -19.23 -9.55
C GLY D 76 -3.86 -19.02 -8.15
N ARG D 77 -3.24 -18.12 -7.39
CA ARG D 77 -3.62 -17.96 -5.98
C ARG D 77 -3.89 -16.49 -5.72
N ILE D 78 -5.08 -16.23 -5.20
CA ILE D 78 -5.56 -14.87 -4.87
C ILE D 78 -4.67 -14.37 -3.73
N VAL D 79 -4.10 -13.19 -3.92
CA VAL D 79 -3.40 -12.40 -2.86
C VAL D 79 -4.00 -10.99 -2.82
N LEU D 80 -4.61 -10.69 -1.69
CA LEU D 80 -5.38 -9.45 -1.44
C LEU D 80 -4.42 -8.42 -0.83
N SER D 81 -4.59 -7.17 -1.20
CA SER D 81 -3.87 -6.01 -0.62
C SER D 81 -4.88 -5.03 -0.02
N ASP D 82 -4.39 -4.10 0.83
CA ASP D 82 -5.27 -3.03 1.38
C ASP D 82 -6.04 -2.38 0.23
N ILE D 83 -7.30 -2.08 0.47
CA ILE D 83 -8.12 -1.26 -0.47
C ILE D 83 -7.92 0.19 0.01
N LYS D 84 -7.14 0.99 -0.74
CA LYS D 84 -6.81 2.37 -0.34
C LYS D 84 -8.09 3.20 -0.31
N ARG D 85 -8.21 4.09 0.66
N ARG D 85 -8.24 4.07 0.68
CA ARG D 85 -9.33 5.08 0.76
CA ARG D 85 -9.38 5.01 0.70
C ARG D 85 -9.29 5.96 -0.50
C ARG D 85 -9.30 5.92 -0.54
N PRO D 86 -10.45 6.41 -1.03
CA PRO D 86 -10.45 7.35 -2.14
C PRO D 86 -9.73 8.66 -1.80
N ASP D 87 -9.42 9.41 -2.83
CA ASP D 87 -8.59 10.63 -2.67
C ASP D 87 -9.40 11.77 -2.07
N HIS D 88 -10.71 11.69 -2.01
CA HIS D 88 -11.56 12.81 -1.53
C HIS D 88 -12.66 12.26 -0.64
N ASP D 89 -13.06 13.04 0.36
CA ASP D 89 -14.26 12.77 1.19
C ASP D 89 -15.50 13.32 0.47
N GLU D 90 -15.34 14.40 -0.31
CA GLU D 90 -16.46 15.11 -0.99
C GLU D 90 -16.22 15.09 -2.50
N TRP D 91 -17.30 15.13 -3.31
CA TRP D 91 -17.17 14.90 -4.76
C TRP D 91 -17.84 15.99 -5.60
N GLY D 92 -18.27 17.08 -4.98
CA GLY D 92 -18.69 18.30 -5.69
C GLY D 92 -20.07 18.13 -6.30
N THR D 93 -20.22 18.61 -7.53
CA THR D 93 -21.50 18.59 -8.29
C THR D 93 -21.68 17.22 -8.98
N GLY D 94 -22.90 16.91 -9.42
CA GLY D 94 -23.12 15.73 -10.28
C GLY D 94 -22.14 15.70 -11.44
N LEU D 95 -21.91 16.82 -12.10
CA LEU D 95 -20.97 16.89 -13.24
C LEU D 95 -19.56 16.51 -12.74
N GLU D 96 -19.09 17.11 -11.65
CA GLU D 96 -17.73 16.81 -11.15
C GLU D 96 -17.60 15.31 -10.82
N ALA D 97 -18.62 14.68 -10.22
CA ALA D 97 -18.56 13.24 -9.89
C ALA D 97 -18.51 12.39 -11.16
N MET D 98 -19.27 12.78 -12.20
N MET D 98 -19.25 12.75 -12.19
CA MET D 98 -19.31 12.07 -13.50
CA MET D 98 -19.25 11.99 -13.47
C MET D 98 -17.94 12.15 -14.20
C MET D 98 -17.87 12.08 -14.13
N GLU D 99 -17.20 13.25 -14.02
CA GLU D 99 -15.85 13.42 -14.62
C GLU D 99 -14.85 12.55 -13.86
N VAL D 100 -14.96 12.48 -12.54
CA VAL D 100 -14.09 11.61 -11.70
C VAL D 100 -14.31 10.15 -12.11
N ALA D 101 -15.58 9.76 -12.30
CA ALA D 101 -15.98 8.43 -12.78
C ALA D 101 -15.29 8.12 -14.10
N LEU D 102 -15.36 9.02 -15.08
CA LEU D 102 -14.81 8.76 -16.42
C LEU D 102 -13.29 8.58 -16.28
N ASN D 103 -12.63 9.44 -15.50
CA ASN D 103 -11.16 9.38 -15.32
C ASN D 103 -10.82 8.02 -14.68
N LEU D 104 -11.60 7.58 -13.70
CA LEU D 104 -11.38 6.26 -13.04
C LEU D 104 -11.52 5.12 -14.06
N GLU D 105 -12.58 5.15 -14.87
CA GLU D 105 -12.90 4.06 -15.83
C GLU D 105 -11.83 3.99 -16.91
N LYS D 106 -11.27 5.14 -17.32
CA LYS D 106 -10.17 5.20 -18.30
C LYS D 106 -8.89 4.65 -17.69
N ASN D 107 -8.63 4.87 -16.39
N ASN D 107 -8.63 4.96 -16.40
CA ASN D 107 -7.43 4.31 -15.72
CA ASN D 107 -7.54 4.35 -15.61
C ASN D 107 -7.62 2.79 -15.56
C ASN D 107 -7.69 2.82 -15.72
N VAL D 108 -8.84 2.32 -15.25
CA VAL D 108 -9.12 0.85 -15.15
C VAL D 108 -8.98 0.22 -16.54
N ASN D 109 -9.45 0.93 -17.58
CA ASN D 109 -9.35 0.46 -18.97
C ASN D 109 -7.88 0.24 -19.33
N GLN D 110 -7.02 1.21 -19.05
CA GLN D 110 -5.59 1.12 -19.45
C GLN D 110 -4.96 -0.07 -18.71
N SER D 111 -5.32 -0.23 -17.45
CA SER D 111 -4.81 -1.30 -16.59
C SER D 111 -5.28 -2.65 -17.17
N LEU D 112 -6.51 -2.74 -17.68
CA LEU D 112 -6.98 -3.99 -18.35
C LEU D 112 -6.19 -4.24 -19.64
N LEU D 113 -5.94 -3.20 -20.43
CA LEU D 113 -5.14 -3.38 -21.68
C LEU D 113 -3.72 -3.82 -21.33
N ASP D 114 -3.15 -3.25 -20.29
CA ASP D 114 -1.81 -3.66 -19.78
C ASP D 114 -1.83 -5.14 -19.35
N LEU D 115 -2.90 -5.57 -18.69
CA LEU D 115 -3.02 -6.98 -18.24
C LEU D 115 -3.16 -7.89 -19.47
N HIS D 116 -3.95 -7.48 -20.46
CA HIS D 116 -4.08 -8.19 -21.76
C HIS D 116 -2.68 -8.31 -22.42
N LYS D 117 -1.84 -7.27 -22.33
CA LYS D 117 -0.47 -7.29 -22.93
C LYS D 117 0.41 -8.34 -22.21
N VAL D 118 0.23 -8.53 -20.88
CA VAL D 118 0.98 -9.55 -20.08
C VAL D 118 0.56 -10.94 -20.55
N ALA D 119 -0.74 -11.15 -20.68
CA ALA D 119 -1.31 -12.38 -21.24
C ALA D 119 -0.69 -12.64 -22.61
N GLU D 120 -0.73 -11.66 -23.50
CA GLU D 120 -0.21 -11.78 -24.89
C GLU D 120 1.29 -12.13 -24.86
N LYS D 121 2.08 -11.42 -24.07
CA LYS D 121 3.54 -11.59 -23.96
C LYS D 121 3.82 -13.07 -23.61
N ASN D 122 2.95 -13.70 -22.82
CA ASN D 122 3.17 -15.06 -22.27
C ASN D 122 2.35 -16.11 -23.04
N GLY D 123 1.79 -15.76 -24.20
CA GLY D 123 1.10 -16.71 -25.07
C GLY D 123 -0.15 -17.31 -24.43
N ASP D 124 -0.80 -16.57 -23.54
CA ASP D 124 -2.01 -17.06 -22.83
C ASP D 124 -3.25 -16.68 -23.66
N ASP D 125 -3.57 -17.50 -24.65
CA ASP D 125 -4.66 -17.19 -25.62
C ASP D 125 -6.00 -17.21 -24.88
N GLN D 126 -6.21 -18.14 -23.96
CA GLN D 126 -7.48 -18.18 -23.20
C GLN D 126 -7.62 -16.91 -22.34
N MET D 127 -6.56 -16.45 -21.67
CA MET D 127 -6.67 -15.27 -20.75
C MET D 127 -6.97 -13.99 -21.55
N GLN D 128 -6.36 -13.84 -22.72
CA GLN D 128 -6.63 -12.69 -23.63
C GLN D 128 -8.10 -12.71 -24.03
N ASP D 129 -8.61 -13.85 -24.46
CA ASP D 129 -10.03 -13.93 -24.86
C ASP D 129 -10.95 -13.64 -23.66
N TRP D 130 -10.59 -14.15 -22.47
CA TRP D 130 -11.40 -13.96 -21.24
C TRP D 130 -11.49 -12.46 -20.94
N ILE D 131 -10.35 -11.75 -20.99
CA ILE D 131 -10.31 -10.28 -20.72
C ILE D 131 -11.16 -9.57 -21.78
N GLU D 132 -11.03 -9.96 -23.04
CA GLU D 132 -11.83 -9.39 -24.15
C GLU D 132 -13.31 -9.61 -23.87
N SER D 133 -13.65 -10.82 -23.45
N SER D 133 -13.69 -10.84 -23.55
CA SER D 133 -15.06 -11.29 -23.31
CA SER D 133 -15.12 -11.23 -23.33
C SER D 133 -15.75 -10.62 -22.12
C SER D 133 -15.71 -10.41 -22.16
N HIS D 134 -15.01 -10.46 -21.00
CA HIS D 134 -15.62 -9.97 -19.73
C HIS D 134 -15.44 -8.46 -19.59
N PHE D 135 -14.36 -7.89 -20.09
CA PHE D 135 -13.92 -6.54 -19.66
C PHE D 135 -13.78 -5.53 -20.80
N LEU D 136 -13.10 -5.85 -21.89
CA LEU D 136 -12.63 -4.76 -22.79
C LEU D 136 -13.82 -4.03 -23.43
N THR D 137 -14.86 -4.75 -23.86
CA THR D 137 -16.05 -4.11 -24.47
C THR D 137 -16.91 -3.43 -23.39
N GLU D 138 -16.99 -4.05 -22.22
N GLU D 138 -17.00 -4.03 -22.21
CA GLU D 138 -17.71 -3.48 -21.12
CA GLU D 138 -17.74 -3.43 -21.13
C GLU D 138 -17.14 -2.12 -20.77
C GLU D 138 -17.15 -2.08 -20.79
N GLN D 139 -15.84 -2.01 -20.68
CA GLN D 139 -15.13 -0.73 -20.37
C GLN D 139 -15.43 0.28 -21.48
N VAL D 140 -15.37 -0.10 -22.76
CA VAL D 140 -15.68 0.86 -23.85
C VAL D 140 -17.09 1.41 -23.65
N GLU D 141 -18.05 0.53 -23.34
CA GLU D 141 -19.48 0.92 -23.13
C GLU D 141 -19.57 1.87 -21.93
N ALA D 142 -18.90 1.58 -20.83
CA ALA D 142 -18.97 2.39 -19.59
C ALA D 142 -18.42 3.81 -19.86
N ILE D 143 -17.31 3.87 -20.60
N ILE D 143 -17.32 3.92 -20.61
CA ILE D 143 -16.63 5.15 -20.93
CA ILE D 143 -16.65 5.23 -20.86
C ILE D 143 -17.54 5.97 -21.83
C ILE D 143 -17.43 6.02 -21.92
N LYS D 144 -18.16 5.36 -22.82
CA LYS D 144 -19.07 6.10 -23.75
C LYS D 144 -20.26 6.63 -22.95
N GLU D 145 -20.83 5.82 -22.05
CA GLU D 145 -22.01 6.24 -21.25
C GLU D 145 -21.65 7.44 -20.35
N LEU D 146 -20.52 7.39 -19.64
CA LEU D 146 -20.04 8.50 -18.77
C LEU D 146 -19.81 9.74 -19.65
N SER D 147 -19.26 9.58 -20.86
CA SER D 147 -18.99 10.72 -21.77
C SER D 147 -20.34 11.35 -22.17
N ASP D 148 -21.35 10.52 -22.46
CA ASP D 148 -22.71 10.98 -22.81
C ASP D 148 -23.27 11.77 -21.61
N HIS D 149 -23.10 11.24 -20.40
CA HIS D 149 -23.66 11.90 -19.19
C HIS D 149 -23.01 13.26 -18.98
N ILE D 150 -21.69 13.34 -19.14
CA ILE D 150 -20.93 14.61 -18.98
C ILE D 150 -21.45 15.64 -20.00
N THR D 151 -21.60 15.26 -21.26
CA THR D 151 -22.17 16.13 -22.31
C THR D 151 -23.54 16.62 -21.84
N ASN D 152 -24.39 15.74 -21.31
CA ASN D 152 -25.77 16.15 -20.93
C ASN D 152 -25.74 17.04 -19.67
N LEU D 153 -24.84 16.75 -18.75
CA LEU D 153 -24.80 17.57 -17.50
C LEU D 153 -24.30 18.98 -17.83
N LYS D 154 -23.44 19.12 -18.83
CA LYS D 154 -23.00 20.44 -19.35
C LYS D 154 -24.17 21.09 -20.10
N ARG D 155 -24.95 20.34 -20.88
CA ARG D 155 -26.12 20.89 -21.62
C ARG D 155 -27.14 21.44 -20.61
N VAL D 156 -27.55 20.68 -19.61
CA VAL D 156 -28.65 21.10 -18.71
C VAL D 156 -28.18 22.19 -17.77
N GLY D 157 -26.89 22.25 -17.45
CA GLY D 157 -26.37 23.32 -16.55
C GLY D 157 -26.69 23.02 -15.09
N PRO D 158 -26.18 23.86 -14.18
CA PRO D 158 -26.44 23.64 -12.75
C PRO D 158 -27.90 23.90 -12.32
N GLY D 159 -28.21 23.61 -11.06
CA GLY D 159 -29.49 23.97 -10.45
C GLY D 159 -30.60 23.10 -11.01
N LEU D 160 -31.63 23.72 -11.59
CA LEU D 160 -32.77 22.95 -12.13
C LEU D 160 -32.27 21.86 -13.10
N GLY D 161 -31.27 22.16 -13.92
CA GLY D 161 -30.77 21.23 -14.95
C GLY D 161 -30.25 19.94 -14.32
N GLU D 162 -29.42 20.10 -13.30
CA GLU D 162 -28.89 18.95 -12.53
C GLU D 162 -30.06 18.14 -11.95
N TYR D 163 -31.04 18.81 -11.34
CA TYR D 163 -32.24 18.15 -10.76
C TYR D 163 -32.95 17.35 -11.85
N MET D 164 -33.23 17.95 -13.01
CA MET D 164 -33.99 17.26 -14.09
C MET D 164 -33.19 16.09 -14.68
N PHE D 165 -31.87 16.22 -14.77
CA PHE D 165 -30.98 15.13 -15.25
C PHE D 165 -31.11 13.96 -14.26
N ASP D 166 -31.04 14.26 -12.98
CA ASP D 166 -31.21 13.24 -11.93
C ASP D 166 -32.58 12.57 -12.12
N LYS D 167 -33.64 13.33 -12.45
CA LYS D 167 -35.01 12.74 -12.55
C LYS D 167 -35.13 11.98 -13.87
N GLU D 168 -34.68 12.56 -14.97
CA GLU D 168 -34.97 12.00 -16.32
C GLU D 168 -33.93 10.94 -16.68
N THR D 169 -32.67 11.27 -16.86
CA THR D 169 -31.67 10.28 -17.31
C THR D 169 -31.40 9.27 -16.19
N LEU D 170 -31.30 9.69 -14.91
CA LEU D 170 -30.92 8.73 -13.82
C LEU D 170 -32.16 8.18 -13.12
N ASP D 171 -33.37 8.52 -13.55
CA ASP D 171 -34.58 7.88 -12.98
C ASP D 171 -34.55 8.04 -11.45
N GLY D 172 -34.27 9.24 -10.93
CA GLY D 172 -34.25 9.50 -9.47
C GLY D 172 -35.59 9.18 -8.80
N ASP D 173 -35.61 8.28 -7.83
CA ASP D 173 -36.85 7.89 -7.20
C ASP D 173 -37.53 6.74 -7.96
#